data_7G6V
#
_entry.id   7G6V
#
_cell.length_a   84.712
_cell.length_b   92.306
_cell.length_c   119.900
_cell.angle_alpha   90.000
_cell.angle_beta   90.000
_cell.angle_gamma   90.000
#
_symmetry.space_group_name_H-M   'P 21 21 21'
#
loop_
_entity.id
_entity.type
_entity.pdbx_description
1 polymer 'Isoform 2 of Ectonucleotide pyrophosphatase/phosphodiesterase family member 2'
2 branched alpha-D-mannopyranose-(1-2)-alpha-D-mannopyranose-(1-3)-alpha-D-mannopyranose-(1-6)-[alpha-D-mannopyranose-(1-2)-alpha-D-mannopyranose-(1-3)]beta-D-mannopyranose-(1-4)-2-acetamido-2-deoxy-beta-D-glucopyranose-(1-4)-2-acetamido-2-deoxy-beta-D-glucopyranose
3 non-polymer 'CALCIUM ION'
4 non-polymer 'POTASSIUM ION'
5 non-polymer 'ACETATE ION'
6 non-polymer (4M)-N-methyl-4-(5-methyl-6-propoxypyridin-3-yl)-3-nitrobenzamide
7 non-polymer 'CHLORIDE ION'
8 non-polymer 'ZINC ION'
9 non-polymer 'SODIUM ION'
10 water water
#
_entity_poly.entity_id   1
_entity_poly.type   'polypeptide(L)'
_entity_poly.pdbx_seq_one_letter_code
;FTASRIKRAEWDEGPPTVLSDSPWTATSGSCKGRCFELQEVGPPDCRCDNLCKSYSSCCHDFDELCLKTARGWECTKDRC
GEVRNEENACHCSEDCLSRGDCCTNYQVVCKGESHWVDDDCEEIKVPECPAGFVRPPLIIFSVDGFRASYMKKGSKVMPN
IEKLRSCGTHAPYMRPVYPTKTFPNLYTLATGLYPESHGIVGNSMYDPVFDASFHLRGREKFNHRWWGGQPLWITATKQG
VRAGTFFWSVSIPHERRILTILQWLSLPDNERPSVYAFYSEQPDFSGHKYGPFGPEMTNPLREIDKTVGQLMDGLKQLRL
HRCVNVIFVGDHGMEDVTCDRTEFLSNYLTNVDDITLVPGTLGRIRAKSINNSKYDPKTIIAALTCKKPDQHFKPYMKQH
LPKRLHYANNRRIEDIHLLVDRRWHVARKPLDVYKKPSGKCFFQGDHGFDNKVNSMQTVFVGYGPTFKYRTKVPPFENIE
LYNVMCDLLGLKPAPNNGTHGSLNHLLRTNTFRPTMPDEVSRPNYPGIMYLQSEFDLGCTCDDKVEPKNKLEELNKRLHT
KGSTKERHLLYGRPAVLYRTSYDILYHTDFESGYSEIFLMPLWTSYTISKQAEVSSIPEHLTNCVRPDVRVSPGFSQNCL
AYKNDKQMSYGFLFPPYLSSSPEAKYDAFLVTNMVPMYPAFKRVWAYFQRVLVKKYASERNGVNVISGPIFDYNYDGLRD
TEDEIKQYVEGSSIPVPTHYYSIITSCLDFTQPADKCDGPLSVSSFILPHRPDNDESCNSSEDESKWVEELMKMHTARVR
DIEHLTGLDFYRKTSRSYSEILTLKTYLHTYESEIGGRHHHHHHHH
;
_entity_poly.pdbx_strand_id   A
#
loop_
_chem_comp.id
_chem_comp.type
_chem_comp.name
_chem_comp.formula
ACT non-polymer 'ACETATE ION' 'C2 H3 O2 -1'
BMA D-saccharide, beta linking beta-D-mannopyranose 'C6 H12 O6'
CA non-polymer 'CALCIUM ION' 'Ca 2'
CL non-polymer 'CHLORIDE ION' 'Cl -1'
K non-polymer 'POTASSIUM ION' 'K 1'
MAN D-saccharide, alpha linking alpha-D-mannopyranose 'C6 H12 O6'
NA non-polymer 'SODIUM ION' 'Na 1'
NAG D-saccharide, beta linking 2-acetamido-2-deoxy-beta-D-glucopyranose 'C8 H15 N O6'
XVH non-polymer (4M)-N-methyl-4-(5-methyl-6-propoxypyridin-3-yl)-3-nitrobenzamide 'C17 H19 N3 O4'
ZN non-polymer 'ZINC ION' 'Zn 2'
#
# COMPACT_ATOMS: atom_id res chain seq x y z
N TRP A 24 24.41 -1.05 32.96
CA TRP A 24 25.82 -0.57 33.19
C TRP A 24 26.66 -0.67 31.93
N THR A 25 27.44 0.39 31.67
CA THR A 25 28.47 0.39 30.63
C THR A 25 29.82 0.76 31.25
N ALA A 26 30.81 -0.11 31.04
CA ALA A 26 32.17 0.12 31.52
C ALA A 26 32.94 0.86 30.45
N THR A 27 32.66 2.16 30.34
CA THR A 27 33.11 3.01 29.22
C THR A 27 34.63 3.30 29.16
N SER A 28 35.44 2.37 29.69
CA SER A 28 36.90 2.52 29.84
C SER A 28 37.76 1.85 28.75
N GLY A 29 37.13 1.08 27.86
CA GLY A 29 37.80 0.57 26.66
C GLY A 29 38.02 1.70 25.67
N SER A 30 38.55 1.39 24.51
CA SER A 30 38.92 2.41 23.53
C SER A 30 38.32 2.14 22.14
N CYS A 31 38.23 3.18 21.32
CA CYS A 31 37.75 3.04 19.93
C CYS A 31 38.91 3.14 18.94
N LYS A 32 40.14 3.05 19.44
CA LYS A 32 41.34 3.05 18.62
C LYS A 32 41.22 1.93 17.57
N GLY A 33 41.20 2.33 16.30
CA GLY A 33 40.99 1.40 15.17
C GLY A 33 39.68 0.61 15.19
N ARG A 34 38.63 1.17 15.78
CA ARG A 34 37.33 0.51 15.85
C ARG A 34 36.19 1.38 15.35
N CYS A 35 36.53 2.53 14.76
CA CYS A 35 35.54 3.56 14.42
C CYS A 35 34.45 3.01 13.48
N PHE A 36 33.21 2.99 13.97
CA PHE A 36 32.06 2.51 13.19
C PHE A 36 32.17 1.02 12.83
N GLU A 37 32.62 0.25 13.81
CA GLU A 37 32.65 -1.20 13.73
C GLU A 37 31.28 -1.75 13.30
N LEU A 38 31.33 -2.76 12.44
CA LEU A 38 30.13 -3.32 11.83
C LEU A 38 29.41 -4.29 12.76
N GLN A 39 30.16 -5.12 13.49
CA GLN A 39 29.57 -6.02 14.48
C GLN A 39 29.38 -5.27 15.78
N GLU A 40 28.29 -5.59 16.48
CA GLU A 40 27.99 -4.95 17.76
C GLU A 40 28.54 -5.78 18.91
N VAL A 41 29.39 -5.16 19.73
CA VAL A 41 29.96 -5.82 20.91
C VAL A 41 29.01 -5.76 22.12
N GLY A 42 29.08 -6.80 22.95
CA GLY A 42 28.13 -6.99 24.05
C GLY A 42 28.46 -6.26 25.35
N PRO A 43 27.43 -5.67 25.99
CA PRO A 43 27.48 -5.06 27.33
C PRO A 43 28.14 -5.98 28.39
N PRO A 44 28.72 -5.41 29.46
CA PRO A 44 28.90 -3.97 29.70
C PRO A 44 30.17 -3.37 29.08
N ASP A 45 30.78 -4.04 28.09
CA ASP A 45 31.90 -3.47 27.33
C ASP A 45 31.43 -2.23 26.55
N CYS A 46 32.34 -1.29 26.26
CA CYS A 46 31.93 -0.10 25.50
C CYS A 46 31.83 -0.38 24.00
N ARG A 47 31.04 0.47 23.34
CA ARG A 47 30.72 0.31 21.91
C ARG A 47 31.27 1.46 21.08
N CYS A 48 31.49 1.22 19.79
CA CYS A 48 31.93 2.25 18.83
C CYS A 48 31.09 2.24 17.53
N ASP A 49 29.95 1.55 17.57
CA ASP A 49 29.03 1.45 16.42
C ASP A 49 28.27 2.75 16.21
N ASN A 50 27.80 2.98 14.98
CA ASN A 50 27.12 4.24 14.67
C ASN A 50 25.83 4.45 15.46
N LEU A 51 25.44 3.47 16.27
CA LEU A 51 24.30 3.62 17.19
C LEU A 51 24.65 3.78 18.68
N CYS A 52 25.94 3.91 19.02
CA CYS A 52 26.35 3.90 20.42
C CYS A 52 25.89 5.14 21.22
N LYS A 53 25.86 6.29 20.56
CA LYS A 53 25.40 7.54 21.17
C LYS A 53 23.96 7.46 21.68
N SER A 54 23.10 6.78 20.93
CA SER A 54 21.67 6.65 21.28
C SER A 54 21.40 5.75 22.50
N TYR A 55 22.38 4.94 22.86
CA TYR A 55 22.28 4.03 24.01
C TYR A 55 23.14 4.51 25.19
N SER A 56 23.75 5.69 25.05
CA SER A 56 24.76 6.22 25.99
C SER A 56 25.86 5.21 26.37
N SER A 57 26.48 4.62 25.37
CA SER A 57 27.37 3.49 25.60
C SER A 57 28.64 3.51 24.76
N CYS A 58 28.98 4.67 24.20
CA CYS A 58 30.23 4.82 23.44
C CYS A 58 31.42 4.81 24.40
N CYS A 59 32.60 4.43 23.89
CA CYS A 59 33.83 4.51 24.68
C CYS A 59 34.17 5.97 24.93
N HIS A 60 35.04 6.22 25.92
CA HIS A 60 35.40 7.57 26.35
C HIS A 60 35.93 8.46 25.22
N ASP A 61 36.65 7.84 24.28
CA ASP A 61 37.39 8.54 23.23
C ASP A 61 36.70 8.54 21.87
N PHE A 62 35.42 8.15 21.87
CA PHE A 62 34.63 8.10 20.64
C PHE A 62 34.62 9.42 19.88
N ASP A 63 34.28 10.51 20.57
CA ASP A 63 34.18 11.84 19.93
C ASP A 63 35.50 12.22 19.28
N GLU A 64 36.57 12.06 20.04
CA GLU A 64 37.93 12.42 19.65
C GLU A 64 38.38 11.65 18.41
N LEU A 65 38.24 10.33 18.46
CA LEU A 65 38.77 9.47 17.41
C LEU A 65 37.83 9.29 16.21
N CYS A 66 36.53 9.18 16.48
CA CYS A 66 35.55 8.83 15.45
C CYS A 66 34.76 10.00 14.87
N LEU A 67 34.64 11.10 15.62
CA LEU A 67 33.85 12.25 15.17
C LEU A 67 34.69 13.51 14.96
N LYS A 68 35.87 13.33 14.39
CA LYS A 68 36.76 14.42 14.03
C LYS A 68 36.02 15.43 13.17
N THR A 69 36.30 16.72 13.37
CA THR A 69 35.72 17.79 12.55
C THR A 69 36.78 18.80 12.09
N ALA A 70 38.00 18.63 12.60
CA ALA A 70 39.11 19.54 12.30
C ALA A 70 39.25 19.83 10.81
N ARG A 71 39.12 21.11 10.48
CA ARG A 71 39.39 21.68 9.14
C ARG A 71 38.23 21.62 8.14
N GLY A 72 37.10 21.04 8.58
CA GLY A 72 35.90 21.02 7.74
C GLY A 72 35.76 19.81 6.82
N TRP A 73 34.90 19.95 5.81
CA TRP A 73 34.51 18.81 4.98
C TRP A 73 35.04 18.88 3.55
N GLU A 74 35.68 19.99 3.19
CA GLU A 74 36.16 20.18 1.82
C GLU A 74 37.66 20.46 1.73
N CYS A 75 38.27 19.92 0.67
CA CYS A 75 39.64 20.28 0.31
C CYS A 75 39.65 21.67 -0.31
N THR A 76 40.72 22.40 -0.01
CA THR A 76 40.96 23.72 -0.56
C THR A 76 42.30 23.63 -1.30
N LYS A 77 42.59 24.61 -2.14
CA LYS A 77 43.80 24.63 -2.99
C LYS A 77 45.11 24.38 -2.23
N ASP A 78 45.20 24.92 -1.02
CA ASP A 78 46.41 24.87 -0.19
C ASP A 78 46.59 23.58 0.63
N ARG A 79 45.54 22.77 0.69
CA ARG A 79 45.61 21.49 1.38
C ARG A 79 46.10 20.37 0.46
N CYS A 80 46.13 20.65 -0.85
CA CYS A 80 46.50 19.66 -1.85
C CYS A 80 47.91 19.12 -1.65
N GLY A 81 48.02 17.80 -1.65
CA GLY A 81 49.29 17.11 -1.42
C GLY A 81 49.94 17.30 -0.05
N GLU A 82 49.16 17.79 0.91
CA GLU A 82 49.63 18.07 2.29
C GLU A 82 50.23 16.86 2.99
N VAL A 83 50.80 17.10 4.17
CA VAL A 83 51.27 16.04 5.07
C VAL A 83 50.10 15.51 5.90
N ARG A 84 49.91 14.19 5.85
CA ARG A 84 48.86 13.51 6.59
C ARG A 84 48.81 13.91 8.08
N ASN A 85 47.77 14.65 8.43
CA ASN A 85 47.48 15.02 9.80
C ASN A 85 46.24 14.24 10.25
N GLU A 86 46.46 13.22 11.11
CA GLU A 86 45.39 12.28 11.48
C GLU A 86 44.19 12.94 12.20
N GLU A 87 44.37 14.18 12.66
CA GLU A 87 43.31 14.92 13.37
C GLU A 87 42.17 15.44 12.46
N ASN A 88 42.49 15.65 11.18
CA ASN A 88 41.52 16.21 10.23
C ASN A 88 40.33 15.29 9.96
N ALA A 89 39.17 15.90 9.70
CA ALA A 89 37.92 15.15 9.47
C ALA A 89 38.02 14.35 8.20
N CYS A 90 38.61 14.94 7.16
CA CYS A 90 38.95 14.22 5.93
C CYS A 90 40.25 14.78 5.37
N HIS A 91 40.81 14.16 4.33
CA HIS A 91 42.21 14.40 3.98
C HIS A 91 42.43 14.79 2.52
N CYS A 92 43.49 15.56 2.28
CA CYS A 92 43.82 16.00 0.93
C CYS A 92 45.27 15.62 0.58
N SER A 93 45.82 14.72 1.39
CA SER A 93 47.16 14.16 1.18
C SER A 93 47.21 13.18 -0.01
N GLU A 94 48.41 12.84 -0.45
CA GLU A 94 48.60 11.99 -1.62
C GLU A 94 48.12 10.56 -1.40
N ASP A 95 48.22 10.09 -0.16
CA ASP A 95 47.92 8.70 0.17
C ASP A 95 46.44 8.47 0.52
N CYS A 96 45.61 9.50 0.41
CA CYS A 96 44.22 9.38 0.86
C CYS A 96 43.38 8.39 0.04
N LEU A 97 43.56 8.36 -1.28
CA LEU A 97 42.83 7.41 -2.12
C LEU A 97 43.02 5.95 -1.67
N SER A 98 44.26 5.57 -1.32
CA SER A 98 44.61 4.23 -0.80
C SER A 98 43.99 3.96 0.56
N ARG A 99 44.04 4.97 1.43
CA ARG A 99 43.41 4.92 2.75
C ARG A 99 41.87 4.99 2.66
N GLY A 100 41.37 5.42 1.50
CA GLY A 100 39.94 5.57 1.26
C GLY A 100 39.27 6.67 2.08
N ASP A 101 40.06 7.66 2.50
CA ASP A 101 39.57 8.70 3.43
C ASP A 101 39.74 10.16 3.00
N CYS A 102 39.83 10.43 1.70
CA CYS A 102 39.81 11.81 1.17
C CYS A 102 38.48 12.53 1.45
N CYS A 103 38.52 13.86 1.42
CA CYS A 103 37.30 14.65 1.30
C CYS A 103 36.72 14.38 -0.09
N THR A 104 35.41 14.54 -0.22
CA THR A 104 34.72 14.08 -1.40
C THR A 104 35.05 14.92 -2.64
N ASN A 105 35.58 16.13 -2.42
CA ASN A 105 35.96 17.02 -3.51
C ASN A 105 37.47 17.03 -3.86
N TYR A 106 38.24 16.17 -3.18
CA TYR A 106 39.69 16.05 -3.39
C TYR A 106 40.15 16.07 -4.86
N GLN A 107 39.57 15.21 -5.69
CA GLN A 107 39.98 15.10 -7.10
C GLN A 107 39.56 16.30 -7.93
N VAL A 108 38.50 16.98 -7.49
CA VAL A 108 38.06 18.16 -8.21
C VAL A 108 39.03 19.31 -7.94
N VAL A 109 39.33 19.52 -6.66
CA VAL A 109 40.23 20.60 -6.21
C VAL A 109 41.69 20.34 -6.59
N CYS A 110 42.20 19.15 -6.27
CA CYS A 110 43.63 18.85 -6.38
C CYS A 110 44.08 18.09 -7.63
N LYS A 111 43.14 17.58 -8.42
CA LYS A 111 43.51 16.82 -9.63
C LYS A 111 42.80 17.26 -10.91
N GLY A 112 42.13 18.41 -10.86
CA GLY A 112 41.44 18.99 -12.03
C GLY A 112 40.29 18.15 -12.57
N GLU A 113 39.82 17.19 -11.78
CA GLU A 113 38.64 16.39 -12.15
C GLU A 113 37.40 17.23 -11.99
N SER A 114 36.30 16.82 -12.63
CA SER A 114 35.03 17.53 -12.52
C SER A 114 34.03 16.84 -11.59
N HIS A 115 33.13 17.63 -11.01
CA HIS A 115 32.06 17.10 -10.18
C HIS A 115 31.18 16.17 -10.99
N TRP A 116 30.61 15.18 -10.30
CA TRP A 116 29.74 14.21 -10.95
C TRP A 116 28.58 14.88 -11.68
N VAL A 117 28.00 15.93 -11.07
CA VAL A 117 26.80 16.61 -11.58
C VAL A 117 27.04 17.35 -12.89
N ASP A 118 28.29 17.73 -13.13
CA ASP A 118 28.67 18.50 -14.32
C ASP A 118 28.96 17.61 -15.55
N ASP A 119 29.11 16.31 -15.33
CA ASP A 119 29.32 15.33 -16.40
C ASP A 119 28.00 14.99 -17.12
N ASP A 120 28.04 14.96 -18.45
CA ASP A 120 26.95 14.46 -19.30
C ASP A 120 26.64 13.03 -18.89
N CYS A 121 25.37 12.67 -18.78
CA CYS A 121 25.13 11.29 -18.37
C CYS A 121 25.13 10.28 -19.50
N GLU A 122 25.89 9.21 -19.28
CA GLU A 122 26.06 8.17 -20.26
C GLU A 122 25.39 6.94 -19.69
N GLU A 123 24.65 6.24 -20.54
CA GLU A 123 24.01 4.98 -20.17
C GLU A 123 25.02 4.05 -19.52
N ILE A 124 24.55 3.28 -18.54
CA ILE A 124 25.36 2.27 -17.88
C ILE A 124 24.80 0.92 -18.30
N LYS A 125 25.28 0.41 -19.43
CA LYS A 125 24.81 -0.88 -19.94
C LYS A 125 25.26 -2.09 -19.12
N VAL A 126 26.36 -1.96 -18.39
CA VAL A 126 26.88 -3.04 -17.55
C VAL A 126 27.58 -2.48 -16.30
N PRO A 127 27.63 -3.25 -15.20
CA PRO A 127 28.38 -2.75 -14.06
C PRO A 127 29.86 -2.59 -14.40
N GLU A 128 30.40 -1.40 -14.19
CA GLU A 128 31.85 -1.16 -14.31
C GLU A 128 32.46 -1.05 -12.90
N CYS A 129 32.76 -2.20 -12.30
CA CYS A 129 33.27 -2.27 -10.92
C CYS A 129 34.77 -2.58 -10.86
N PRO A 130 35.46 -2.15 -9.78
CA PRO A 130 36.82 -2.60 -9.46
C PRO A 130 36.90 -4.11 -9.25
N ALA A 131 38.06 -4.69 -9.56
CA ALA A 131 38.28 -6.12 -9.38
C ALA A 131 38.04 -6.48 -7.93
N GLY A 132 37.46 -7.66 -7.71
CA GLY A 132 37.12 -8.11 -6.37
C GLY A 132 35.64 -8.01 -6.04
N PHE A 133 34.95 -7.03 -6.63
CA PHE A 133 33.51 -6.87 -6.38
C PHE A 133 32.68 -8.03 -6.96
N VAL A 134 32.03 -8.79 -6.08
CA VAL A 134 31.22 -9.96 -6.46
C VAL A 134 29.88 -9.55 -7.08
N ARG A 135 29.46 -8.31 -6.81
CA ARG A 135 28.14 -7.80 -7.21
C ARG A 135 28.14 -6.27 -7.12
N PRO A 136 27.22 -5.60 -7.84
CA PRO A 136 27.03 -4.16 -7.62
C PRO A 136 26.48 -3.86 -6.20
N PRO A 137 27.14 -2.98 -5.45
CA PRO A 137 26.58 -2.66 -4.14
C PRO A 137 25.28 -1.84 -4.26
N LEU A 138 24.49 -1.79 -3.18
CA LEU A 138 23.26 -0.98 -3.14
C LEU A 138 23.29 0.03 -2.00
N ILE A 139 23.08 1.30 -2.36
CA ILE A 139 22.92 2.37 -1.38
C ILE A 139 21.48 2.91 -1.34
N ILE A 140 20.84 2.75 -0.18
CA ILE A 140 19.53 3.33 0.03
C ILE A 140 19.66 4.70 0.70
N PHE A 141 19.22 5.74 -0.01
CA PHE A 141 19.28 7.11 0.48
C PHE A 141 17.89 7.60 0.89
N SER A 142 17.58 7.51 2.19
CA SER A 142 16.26 7.87 2.71
C SER A 142 16.18 9.30 3.22
N VAL A 143 15.13 9.98 2.76
CA VAL A 143 14.90 11.36 3.11
C VAL A 143 13.49 11.50 3.66
N ASP A 144 13.43 11.89 4.93
CA ASP A 144 12.19 12.08 5.65
C ASP A 144 11.37 13.25 5.10
N GLY A 145 10.08 13.04 4.93
CA GLY A 145 9.16 14.10 4.53
C GLY A 145 9.36 14.72 3.15
N PHE A 146 10.04 14.01 2.25
CA PHE A 146 10.27 14.52 0.94
C PHE A 146 9.02 14.32 0.07
N ARG A 147 8.16 15.32 0.08
CA ARG A 147 6.93 15.36 -0.72
C ARG A 147 7.20 15.18 -2.22
N ALA A 148 6.34 14.42 -2.89
CA ALA A 148 6.50 14.10 -4.30
C ALA A 148 6.67 15.33 -5.20
N SER A 149 5.89 16.37 -4.96
CA SER A 149 5.96 17.60 -5.75
C SER A 149 7.29 18.37 -5.65
N TYR A 150 8.08 18.14 -4.59
CA TYR A 150 9.38 18.79 -4.46
C TYR A 150 10.29 18.51 -5.66
N MET A 151 9.98 17.49 -6.45
CA MET A 151 10.83 17.15 -7.60
C MET A 151 10.74 18.16 -8.72
N LYS A 152 9.52 18.62 -8.98
CA LYS A 152 9.29 19.63 -10.01
C LYS A 152 9.51 21.00 -9.41
N LYS A 153 8.87 21.23 -8.26
CA LYS A 153 8.86 22.55 -7.61
C LYS A 153 10.23 22.99 -7.06
N GLY A 154 11.11 22.05 -6.77
CA GLY A 154 12.43 22.40 -6.25
C GLY A 154 13.58 22.08 -7.18
N SER A 155 13.28 21.83 -8.45
CA SER A 155 14.28 21.37 -9.42
C SER A 155 15.42 22.35 -9.70
N LYS A 156 15.18 23.64 -9.50
CA LYS A 156 16.20 24.66 -9.74
C LYS A 156 17.31 24.64 -8.70
N VAL A 157 17.00 24.09 -7.53
CA VAL A 157 17.93 24.14 -6.41
C VAL A 157 18.47 22.74 -6.05
N MET A 158 18.13 21.74 -6.86
CA MET A 158 18.60 20.38 -6.60
C MET A 158 19.25 19.73 -7.84
N PRO A 159 20.37 20.28 -8.33
CA PRO A 159 20.89 19.72 -9.59
C PRO A 159 21.33 18.23 -9.53
N ASN A 160 21.93 17.80 -8.40
CA ASN A 160 22.35 16.40 -8.22
C ASN A 160 21.19 15.40 -8.27
N ILE A 161 20.21 15.60 -7.37
CA ILE A 161 18.97 14.82 -7.31
C ILE A 161 18.26 14.80 -8.67
N GLU A 162 18.25 15.95 -9.35
CA GLU A 162 17.56 16.09 -10.65
C GLU A 162 18.28 15.35 -11.77
N LYS A 163 19.61 15.24 -11.66
CA LYS A 163 20.39 14.40 -12.58
C LYS A 163 20.14 12.91 -12.31
N LEU A 164 20.12 12.51 -11.04
CA LEU A 164 19.74 11.14 -10.69
C LEU A 164 18.38 10.78 -11.30
N ARG A 165 17.40 11.65 -11.10
CA ARG A 165 16.04 11.44 -11.55
C ARG A 165 15.94 11.28 -13.07
N SER A 166 16.63 12.14 -13.82
CA SER A 166 16.38 12.20 -15.26
C SER A 166 17.25 11.23 -16.06
N CYS A 167 18.36 10.77 -15.47
CA CYS A 167 19.24 9.78 -16.11
C CYS A 167 18.91 8.35 -15.71
N GLY A 168 18.32 8.19 -14.52
CA GLY A 168 17.97 6.87 -14.00
C GLY A 168 16.51 6.54 -14.28
N THR A 169 15.91 5.80 -13.36
CA THR A 169 14.51 5.40 -13.43
C THR A 169 13.76 6.18 -12.36
N HIS A 170 12.56 6.65 -12.67
CA HIS A 170 11.80 7.42 -11.68
C HIS A 170 10.27 7.24 -11.85
N ALA A 171 9.56 7.55 -10.77
CA ALA A 171 8.12 7.50 -10.75
C ALA A 171 7.67 8.90 -10.40
N PRO A 172 6.49 9.34 -10.86
CA PRO A 172 5.97 10.67 -10.52
C PRO A 172 5.78 10.81 -9.02
N TYR A 173 5.50 9.70 -8.35
CA TYR A 173 5.42 9.62 -6.89
C TYR A 173 5.30 8.18 -6.49
N MET A 174 5.56 7.93 -5.21
CA MET A 174 5.46 6.61 -4.62
C MET A 174 4.47 6.72 -3.44
N ARG A 175 3.54 5.79 -3.34
CA ARG A 175 2.50 5.81 -2.29
C ARG A 175 2.99 5.19 -0.98
N PRO A 176 3.00 5.96 0.11
CA PRO A 176 3.39 5.39 1.42
C PRO A 176 2.30 4.48 1.98
N VAL A 177 2.55 3.86 3.13
CA VAL A 177 1.48 3.10 3.80
C VAL A 177 0.84 3.96 4.89
N TYR A 178 -0.41 3.67 5.22
CA TYR A 178 -1.07 4.31 6.33
C TYR A 178 -0.69 3.57 7.63
N PRO A 179 -0.45 4.31 8.73
CA PRO A 179 -0.45 5.76 8.82
C PRO A 179 0.81 6.32 8.23
N THR A 180 0.69 7.44 7.53
CA THR A 180 1.82 8.00 6.81
C THR A 180 2.82 8.66 7.77
N LYS A 181 3.44 7.81 8.60
CA LYS A 181 4.37 8.25 9.62
C LYS A 181 5.74 7.63 9.33
N THR A 182 6.76 8.07 10.07
CA THR A 182 8.14 7.69 9.82
C THR A 182 8.44 6.21 10.02
N PHE A 183 8.28 5.71 11.24
CA PHE A 183 8.68 4.35 11.54
C PHE A 183 7.80 3.32 10.82
N PRO A 184 6.47 3.52 10.80
CA PRO A 184 5.67 2.60 9.99
C PRO A 184 6.19 2.51 8.56
N ASN A 185 6.52 3.64 7.96
CA ASN A 185 6.92 3.65 6.55
C ASN A 185 8.34 3.18 6.29
N LEU A 186 9.30 3.59 7.13
CA LEU A 186 10.68 3.13 6.94
C LEU A 186 10.81 1.63 7.18
N TYR A 187 10.03 1.09 8.13
CA TYR A 187 10.08 -0.35 8.39
C TYR A 187 9.30 -1.16 7.33
N THR A 188 8.24 -0.59 6.76
CA THR A 188 7.64 -1.14 5.52
C THR A 188 8.66 -1.21 4.38
N LEU A 189 9.41 -0.14 4.14
CA LEU A 189 10.46 -0.22 3.12
C LEU A 189 11.38 -1.40 3.39
N ALA A 190 11.79 -1.55 4.64
CA ALA A 190 12.77 -2.53 5.04
C ALA A 190 12.26 -3.97 4.96
N THR A 191 10.95 -4.17 5.12
CA THR A 191 10.36 -5.52 5.22
C THR A 191 9.42 -5.98 4.08
N GLY A 192 8.81 -5.04 3.37
CA GLY A 192 7.76 -5.39 2.40
C GLY A 192 6.40 -5.65 3.05
N LEU A 193 6.24 -5.29 4.32
CA LEU A 193 5.01 -5.62 5.03
C LEU A 193 4.14 -4.43 5.36
N TYR A 194 2.82 -4.64 5.37
CA TYR A 194 1.91 -3.66 6.00
C TYR A 194 2.25 -3.50 7.51
N PRO A 195 2.09 -2.28 8.06
CA PRO A 195 2.33 -2.09 9.49
C PRO A 195 1.58 -3.08 10.41
N GLU A 196 0.36 -3.46 10.05
CA GLU A 196 -0.38 -4.47 10.81
C GLU A 196 0.34 -5.82 10.89
N SER A 197 1.18 -6.11 9.91
CA SER A 197 1.95 -7.35 9.94
C SER A 197 3.36 -7.18 10.53
N HIS A 198 4.03 -6.06 10.30
CA HIS A 198 5.35 -5.88 10.91
C HIS A 198 5.34 -5.36 12.37
N GLY A 199 4.19 -4.83 12.81
CA GLY A 199 4.05 -4.43 14.20
C GLY A 199 4.18 -2.95 14.52
N ILE A 200 4.97 -2.23 13.75
CA ILE A 200 5.14 -0.81 13.99
C ILE A 200 3.96 -0.07 13.34
N VAL A 201 2.86 -0.04 14.06
CA VAL A 201 1.58 0.45 13.55
C VAL A 201 1.37 1.94 13.80
N GLY A 202 2.36 2.57 14.41
CA GLY A 202 2.36 4.01 14.65
C GLY A 202 3.70 4.49 15.17
N ASN A 203 3.83 5.80 15.31
CA ASN A 203 5.00 6.38 15.98
C ASN A 203 4.89 6.20 17.50
N SER A 204 3.67 5.90 17.96
CA SER A 204 3.36 5.73 19.38
C SER A 204 2.35 4.59 19.58
N MET A 205 2.67 3.62 20.44
CA MET A 205 1.86 2.40 20.58
C MET A 205 1.77 1.84 22.00
N TYR A 206 0.64 1.19 22.31
CA TYR A 206 0.51 0.40 23.53
C TYR A 206 0.23 -1.05 23.12
N ASP A 207 0.90 -2.00 23.76
CA ASP A 207 0.67 -3.43 23.48
C ASP A 207 0.06 -4.10 24.71
N PRO A 208 -1.25 -4.41 24.65
CA PRO A 208 -2.03 -5.01 25.76
C PRO A 208 -1.47 -6.31 26.33
N VAL A 209 -0.78 -7.09 25.52
CA VAL A 209 -0.23 -8.37 25.91
C VAL A 209 1.09 -8.23 26.69
N PHE A 210 1.96 -7.32 26.24
CA PHE A 210 3.20 -7.04 26.92
C PHE A 210 2.97 -6.15 28.14
N ASP A 211 1.88 -5.37 28.09
CA ASP A 211 1.62 -4.27 29.03
C ASP A 211 2.78 -3.27 28.97
N ALA A 212 3.14 -2.88 27.75
CA ALA A 212 4.23 -1.96 27.52
C ALA A 212 3.85 -0.91 26.48
N SER A 213 4.62 0.17 26.42
CA SER A 213 4.38 1.28 25.47
C SER A 213 5.61 1.62 24.63
N PHE A 214 5.38 2.15 23.44
CA PHE A 214 6.43 2.44 22.46
C PHE A 214 6.37 3.92 22.10
N HIS A 215 7.45 4.66 22.39
CA HIS A 215 7.52 6.09 22.10
C HIS A 215 8.74 6.44 21.22
N LEU A 216 8.66 7.58 20.52
CA LEU A 216 9.78 8.14 19.74
C LEU A 216 10.97 8.50 20.64
N ARG A 217 10.66 9.06 21.82
CA ARG A 217 11.66 9.31 22.86
C ARG A 217 11.78 8.07 23.74
N GLY A 218 13.00 7.72 24.12
CA GLY A 218 13.21 6.72 25.17
C GLY A 218 13.88 5.44 24.75
N ARG A 219 13.78 4.44 25.63
CA ARG A 219 14.53 3.20 25.51
C ARG A 219 13.73 2.04 24.91
N GLU A 220 12.44 1.94 25.27
CA GLU A 220 11.59 0.79 24.91
C GLU A 220 11.50 0.53 23.38
N LYS A 221 11.70 1.59 22.59
CA LYS A 221 11.70 1.46 21.12
C LYS A 221 12.86 0.61 20.57
N PHE A 222 13.84 0.29 21.42
CA PHE A 222 14.99 -0.53 21.02
C PHE A 222 14.80 -2.03 21.28
N ASN A 223 13.80 -2.40 22.06
CA ASN A 223 13.51 -3.80 22.36
C ASN A 223 13.00 -4.55 21.12
N HIS A 224 13.62 -5.70 20.84
CA HIS A 224 13.44 -6.48 19.60
C HIS A 224 12.05 -7.14 19.40
N ARG A 225 11.20 -7.11 20.43
CA ARG A 225 9.90 -7.74 20.37
C ARG A 225 8.81 -6.92 19.65
N TRP A 226 9.07 -5.62 19.48
CA TRP A 226 8.16 -4.76 18.73
C TRP A 226 8.24 -5.01 17.23
N TRP A 227 9.42 -5.43 16.77
CA TRP A 227 9.77 -5.46 15.36
C TRP A 227 9.62 -6.83 14.74
N GLY A 228 8.53 -7.04 14.01
CA GLY A 228 8.27 -8.31 13.33
C GLY A 228 8.80 -8.35 11.91
N GLY A 229 8.45 -9.43 11.19
CA GLY A 229 8.90 -9.64 9.83
C GLY A 229 10.39 -9.86 9.71
N GLN A 230 10.90 -9.80 8.49
CA GLN A 230 12.32 -9.94 8.28
C GLN A 230 12.88 -8.82 7.38
N PRO A 231 13.51 -7.81 8.01
CA PRO A 231 14.08 -6.66 7.34
C PRO A 231 15.26 -7.03 6.46
N LEU A 232 15.49 -6.19 5.45
CA LEU A 232 16.50 -6.43 4.43
C LEU A 232 17.88 -6.80 5.00
N TRP A 233 18.35 -6.07 6.00
CA TRP A 233 19.67 -6.35 6.60
C TRP A 233 19.80 -7.77 7.15
N ILE A 234 18.71 -8.31 7.71
CA ILE A 234 18.69 -9.69 8.24
C ILE A 234 18.54 -10.69 7.09
N THR A 235 17.71 -10.35 6.11
CA THR A 235 17.57 -11.18 4.92
C THR A 235 18.93 -11.35 4.21
N ALA A 236 19.70 -10.27 4.13
CA ALA A 236 21.01 -10.31 3.50
C ALA A 236 22.01 -11.15 4.29
N THR A 237 22.08 -10.92 5.59
CA THR A 237 23.06 -11.58 6.47
C THR A 237 22.90 -13.09 6.45
N LYS A 238 21.65 -13.56 6.56
CA LYS A 238 21.33 -15.00 6.53
C LYS A 238 21.65 -15.67 5.21
N GLN A 239 21.73 -14.90 4.13
CA GLN A 239 22.02 -15.48 2.83
C GLN A 239 23.43 -15.17 2.40
N GLY A 240 24.25 -14.67 3.32
CA GLY A 240 25.67 -14.52 3.08
C GLY A 240 26.08 -13.24 2.38
N VAL A 241 25.22 -12.22 2.47
CA VAL A 241 25.52 -10.88 1.96
C VAL A 241 25.69 -9.96 3.16
N ARG A 242 26.82 -9.26 3.20
CA ARG A 242 27.19 -8.41 4.34
C ARG A 242 26.50 -7.06 4.26
N ALA A 243 26.04 -6.57 5.40
CA ALA A 243 25.28 -5.33 5.43
C ALA A 243 25.95 -4.30 6.31
N GLY A 244 26.04 -3.06 5.81
CA GLY A 244 26.39 -1.91 6.65
C GLY A 244 25.25 -1.70 7.63
N THR A 245 25.52 -1.11 8.79
CA THR A 245 24.46 -0.87 9.76
C THR A 245 23.61 0.31 9.28
N PHE A 246 22.29 0.14 9.26
CA PHE A 246 21.37 1.07 8.58
C PHE A 246 21.06 2.36 9.35
N PHE A 247 21.16 2.30 10.68
CA PHE A 247 20.75 3.39 11.55
C PHE A 247 21.91 4.28 11.96
N TRP A 248 21.61 5.56 12.14
CA TRP A 248 22.60 6.56 12.55
C TRP A 248 22.06 7.35 13.75
N SER A 249 22.90 7.51 14.78
CA SER A 249 22.52 8.34 15.92
C SER A 249 22.37 9.76 15.45
N VAL A 250 21.39 10.46 16.03
CA VAL A 250 20.92 11.75 15.52
C VAL A 250 22.03 12.83 15.50
N SER A 251 23.01 12.72 16.38
CA SER A 251 24.08 13.72 16.47
C SER A 251 25.25 13.51 15.49
N ILE A 252 25.22 12.43 14.71
CA ILE A 252 26.28 12.19 13.72
C ILE A 252 25.98 12.99 12.45
N PRO A 253 26.80 14.03 12.18
CA PRO A 253 26.53 14.89 11.03
C PRO A 253 26.49 14.15 9.69
N HIS A 254 25.70 14.69 8.76
CA HIS A 254 25.46 14.04 7.48
C HIS A 254 26.72 13.72 6.71
N GLU A 255 27.66 14.67 6.72
CA GLU A 255 28.96 14.52 6.07
C GLU A 255 29.76 13.36 6.64
N ARG A 256 29.58 13.09 7.94
CA ARG A 256 30.27 11.98 8.58
C ARG A 256 29.67 10.63 8.16
N ARG A 257 28.36 10.61 7.96
CA ARG A 257 27.68 9.41 7.49
C ARG A 257 28.16 9.06 6.08
N ILE A 258 28.26 10.05 5.20
CA ILE A 258 28.71 9.81 3.85
C ILE A 258 30.15 9.27 3.84
N LEU A 259 31.05 9.91 4.61
CA LEU A 259 32.45 9.47 4.67
C LEU A 259 32.57 8.07 5.26
N THR A 260 31.71 7.74 6.20
CA THR A 260 31.73 6.39 6.76
C THR A 260 31.34 5.33 5.71
N ILE A 261 30.25 5.55 4.98
CA ILE A 261 29.84 4.66 3.89
C ILE A 261 30.97 4.53 2.86
N LEU A 262 31.56 5.66 2.49
CA LEU A 262 32.69 5.63 1.56
C LEU A 262 33.90 4.88 2.11
N GLN A 263 34.12 4.93 3.43
CA GLN A 263 35.22 4.19 4.06
C GLN A 263 34.96 2.66 4.00
N TRP A 264 33.72 2.26 4.30
CA TRP A 264 33.34 0.85 4.29
C TRP A 264 33.48 0.24 2.90
N LEU A 265 33.34 1.07 1.88
CA LEU A 265 33.46 0.66 0.49
C LEU A 265 34.90 0.45 0.05
N SER A 266 35.85 0.88 0.88
CA SER A 266 37.26 0.72 0.56
C SER A 266 37.85 -0.52 1.23
N LEU A 267 37.10 -1.10 2.17
CA LEU A 267 37.53 -2.29 2.89
C LEU A 267 37.88 -3.46 1.96
N PRO A 268 38.69 -4.43 2.46
CA PRO A 268 39.01 -5.65 1.72
C PRO A 268 37.75 -6.43 1.36
N ASP A 269 37.82 -7.12 0.23
CA ASP A 269 36.70 -7.86 -0.34
C ASP A 269 35.96 -8.75 0.67
N ASN A 270 36.70 -9.34 1.61
CA ASN A 270 36.09 -10.25 2.57
C ASN A 270 35.34 -9.59 3.74
N GLU A 271 35.52 -8.28 3.92
CA GLU A 271 34.86 -7.58 5.04
C GLU A 271 33.87 -6.51 4.59
N ARG A 272 33.99 -6.10 3.33
CA ARG A 272 33.20 -5.01 2.76
C ARG A 272 31.70 -5.34 2.56
N PRO A 273 30.81 -4.53 3.14
CA PRO A 273 29.37 -4.77 2.98
C PRO A 273 28.89 -4.59 1.53
N SER A 274 27.77 -5.21 1.19
CA SER A 274 27.19 -5.07 -0.16
C SER A 274 25.98 -4.15 -0.19
N VAL A 275 25.38 -3.89 0.97
CA VAL A 275 24.23 -2.99 1.06
C VAL A 275 24.44 -1.94 2.16
N TYR A 276 24.05 -0.71 1.87
CA TYR A 276 24.24 0.44 2.77
C TYR A 276 22.97 1.30 2.87
N ALA A 277 22.87 2.07 3.97
CA ALA A 277 21.75 3.00 4.16
C ALA A 277 22.14 4.32 4.79
N PHE A 278 21.68 5.40 4.14
CA PHE A 278 21.80 6.75 4.67
C PHE A 278 20.40 7.30 4.97
N TYR A 279 20.26 7.95 6.12
CA TYR A 279 19.00 8.59 6.50
C TYR A 279 19.18 10.07 6.74
N SER A 280 18.23 10.86 6.26
CA SER A 280 18.20 12.30 6.55
C SER A 280 16.90 12.77 7.21
N GLU A 281 17.05 13.51 8.31
CA GLU A 281 15.95 14.08 9.10
C GLU A 281 15.27 15.20 8.32
N GLN A 282 15.99 15.75 7.36
CA GLN A 282 15.46 16.80 6.50
C GLN A 282 14.94 16.22 5.18
N PRO A 283 13.91 16.85 4.57
CA PRO A 283 13.30 18.13 4.94
C PRO A 283 12.17 18.09 5.97
N ASP A 284 11.84 16.92 6.50
CA ASP A 284 10.71 16.77 7.41
C ASP A 284 10.82 17.70 8.61
N PHE A 285 12.00 17.76 9.22
CA PHE A 285 12.23 18.56 10.41
C PHE A 285 11.86 20.04 10.19
N SER A 286 12.21 20.58 9.03
CA SER A 286 11.90 21.95 8.70
C SER A 286 10.43 22.13 8.28
N GLY A 287 9.89 21.15 7.57
CA GLY A 287 8.50 21.18 7.13
C GLY A 287 7.47 21.20 8.24
N HIS A 288 7.81 20.59 9.39
CA HIS A 288 6.97 20.68 10.58
C HIS A 288 6.85 22.14 11.04
N LYS A 289 7.95 22.90 10.96
CA LYS A 289 8.00 24.31 11.41
C LYS A 289 7.43 25.31 10.41
N TYR A 290 7.69 25.09 9.12
CA TYR A 290 7.41 26.13 8.14
C TYR A 290 6.31 25.82 7.17
N GLY A 291 5.74 24.61 7.25
CA GLY A 291 4.79 24.13 6.24
C GLY A 291 5.52 23.55 5.03
N PRO A 292 4.82 22.74 4.23
CA PRO A 292 5.51 22.06 3.14
C PRO A 292 6.20 22.99 2.13
N PHE A 293 5.70 24.22 1.95
CA PHE A 293 6.25 25.16 0.96
C PHE A 293 6.70 26.51 1.51
N GLY A 294 6.86 26.59 2.83
CA GLY A 294 7.47 27.75 3.45
C GLY A 294 8.73 28.18 2.71
N PRO A 295 8.96 29.51 2.57
CA PRO A 295 10.17 30.02 1.91
C PRO A 295 11.43 29.54 2.61
N GLU A 296 11.31 29.24 3.90
CA GLU A 296 12.43 28.67 4.69
C GLU A 296 12.80 27.23 4.27
N MET A 297 12.06 26.66 3.32
CA MET A 297 12.25 25.27 2.87
C MET A 297 13.29 25.11 1.76
N THR A 298 13.65 26.21 1.09
CA THR A 298 14.63 26.15 0.01
C THR A 298 16.03 25.74 0.47
N ASN A 299 16.46 26.23 1.63
CA ASN A 299 17.77 25.83 2.16
C ASN A 299 17.93 24.33 2.48
N PRO A 300 17.01 23.75 3.28
CA PRO A 300 17.04 22.30 3.52
C PRO A 300 17.11 21.46 2.22
N LEU A 301 16.35 21.84 1.18
CA LEU A 301 16.42 21.13 -0.09
C LEU A 301 17.77 21.27 -0.77
N ARG A 302 18.44 22.40 -0.55
CA ARG A 302 19.79 22.63 -1.05
C ARG A 302 20.80 21.73 -0.35
N GLU A 303 20.71 21.66 0.97
CA GLU A 303 21.65 20.87 1.76
C GLU A 303 21.56 19.38 1.42
N ILE A 304 20.34 18.88 1.26
CA ILE A 304 20.13 17.49 0.83
C ILE A 304 20.82 17.24 -0.52
N ASP A 305 20.63 18.15 -1.47
CA ASP A 305 21.26 17.99 -2.76
C ASP A 305 22.78 18.01 -2.69
N LYS A 306 23.33 18.85 -1.80
CA LYS A 306 24.77 18.93 -1.63
C LYS A 306 25.29 17.62 -1.09
N THR A 307 24.53 17.02 -0.15
CA THR A 307 24.86 15.71 0.41
C THR A 307 24.88 14.62 -0.66
N VAL A 308 23.85 14.57 -1.50
CA VAL A 308 23.83 13.70 -2.67
C VAL A 308 25.09 13.90 -3.54
N GLY A 309 25.44 15.16 -3.81
CA GLY A 309 26.60 15.49 -4.62
C GLY A 309 27.86 14.90 -4.02
N GLN A 310 27.99 15.02 -2.70
CA GLN A 310 29.13 14.48 -1.98
C GLN A 310 29.23 12.97 -2.12
N LEU A 311 28.09 12.29 -2.02
CA LEU A 311 28.08 10.85 -2.19
C LEU A 311 28.53 10.47 -3.60
N MET A 312 27.93 11.10 -4.59
CA MET A 312 28.25 10.81 -5.99
C MET A 312 29.68 11.20 -6.36
N ASP A 313 30.20 12.25 -5.73
CA ASP A 313 31.59 12.65 -5.99
C ASP A 313 32.53 11.67 -5.34
N GLY A 314 32.11 11.14 -4.20
CA GLY A 314 32.91 10.17 -3.46
C GLY A 314 32.96 8.85 -4.21
N LEU A 315 31.79 8.41 -4.70
CA LEU A 315 31.73 7.20 -5.50
C LEU A 315 32.65 7.33 -6.72
N LYS A 316 32.57 8.46 -7.41
CA LYS A 316 33.40 8.71 -8.58
C LYS A 316 34.92 8.67 -8.28
N GLN A 317 35.36 9.27 -7.17
CA GLN A 317 36.75 9.15 -6.72
C GLN A 317 37.22 7.69 -6.65
N LEU A 318 36.36 6.84 -6.06
CA LEU A 318 36.66 5.42 -5.86
C LEU A 318 36.37 4.55 -7.09
N ARG A 319 36.02 5.19 -8.22
CA ARG A 319 35.66 4.49 -9.45
C ARG A 319 34.44 3.56 -9.25
N LEU A 320 33.48 4.02 -8.45
CA LEU A 320 32.31 3.23 -8.11
C LEU A 320 30.99 3.84 -8.60
N HIS A 321 31.10 4.96 -9.34
CA HIS A 321 29.91 5.72 -9.78
C HIS A 321 29.13 5.12 -10.94
N ARG A 322 29.73 4.08 -11.56
CA ARG A 322 29.10 3.34 -12.65
C ARG A 322 29.03 1.89 -12.26
N CYS A 323 29.08 1.64 -10.96
CA CYS A 323 29.05 0.28 -10.42
C CYS A 323 27.92 0.14 -9.40
N VAL A 324 27.62 1.20 -8.67
CA VAL A 324 26.69 1.14 -7.52
C VAL A 324 25.24 1.46 -7.91
N ASN A 325 24.27 0.72 -7.36
CA ASN A 325 22.87 1.12 -7.53
C ASN A 325 22.42 1.99 -6.37
N VAL A 326 21.93 3.18 -6.71
CA VAL A 326 21.45 4.12 -5.70
C VAL A 326 19.92 4.24 -5.74
N ILE A 327 19.28 4.03 -4.58
CA ILE A 327 17.85 4.26 -4.45
C ILE A 327 17.61 5.53 -3.62
N PHE A 328 16.94 6.51 -4.24
CA PHE A 328 16.56 7.77 -3.60
C PHE A 328 15.06 7.69 -3.26
N VAL A 329 14.75 7.71 -1.97
CA VAL A 329 13.41 7.33 -1.52
C VAL A 329 12.96 8.16 -0.28
N GLY A 330 11.70 8.55 -0.26
CA GLY A 330 11.12 9.21 0.91
C GLY A 330 10.23 8.28 1.74
N ASP A 331 9.92 8.69 2.97
CA ASP A 331 8.98 7.89 3.79
C ASP A 331 7.49 8.32 3.66
N HIS A 332 7.27 9.63 3.54
CA HIS A 332 5.93 10.24 3.38
C HIS A 332 6.18 11.68 2.90
N GLY A 333 5.12 12.36 2.47
CA GLY A 333 5.13 13.79 2.19
C GLY A 333 4.81 14.68 3.41
N MET A 334 4.38 15.93 3.13
CA MET A 334 4.06 16.93 4.15
C MET A 334 2.87 17.79 3.73
N GLU A 335 1.99 18.08 4.69
CA GLU A 335 0.80 18.90 4.46
C GLU A 335 0.77 20.11 5.41
N ASP A 336 0.03 21.15 5.01
CA ASP A 336 -0.20 22.35 5.84
C ASP A 336 -1.18 22.08 6.96
N VAL A 337 -0.71 22.25 8.19
CA VAL A 337 -1.52 22.01 9.38
C VAL A 337 -1.17 23.07 10.42
N THR A 338 -2.19 23.73 10.97
CA THR A 338 -2.00 24.75 12.00
C THR A 338 -2.87 24.48 13.23
N CYS A 339 -2.54 25.13 14.36
CA CYS A 339 -3.25 24.95 15.65
C CYS A 339 -4.75 25.26 15.60
N ASP A 340 -5.12 26.32 14.88
CA ASP A 340 -6.53 26.74 14.81
C ASP A 340 -7.42 25.70 14.10
N ARG A 341 -6.80 24.81 13.33
CA ARG A 341 -7.51 23.70 12.70
C ARG A 341 -7.38 22.39 13.50
N THR A 342 -7.89 22.40 14.73
CA THR A 342 -7.90 21.23 15.61
C THR A 342 -9.32 21.04 16.10
N GLU A 343 -9.82 19.82 16.02
CA GLU A 343 -11.11 19.47 16.56
C GLU A 343 -10.87 18.86 17.92
N PHE A 344 -11.81 19.10 18.85
CA PHE A 344 -11.65 18.66 20.23
C PHE A 344 -12.74 17.68 20.63
N LEU A 345 -12.33 16.52 21.14
CA LEU A 345 -13.30 15.49 21.49
C LEU A 345 -14.21 15.94 22.65
N SER A 346 -13.74 16.93 23.39
CA SER A 346 -14.47 17.47 24.52
C SER A 346 -15.72 18.21 24.05
N ASN A 347 -15.78 18.55 22.76
CA ASN A 347 -16.97 19.18 22.16
C ASN A 347 -18.00 18.18 21.61
N TYR A 348 -17.78 16.89 21.92
CA TYR A 348 -18.60 15.80 21.41
C TYR A 348 -18.98 14.84 22.54
N LEU A 349 -18.08 14.69 23.50
CA LEU A 349 -18.25 13.70 24.57
C LEU A 349 -18.37 14.34 25.96
N THR A 350 -19.12 13.68 26.83
CA THR A 350 -19.17 14.07 28.24
C THR A 350 -18.08 13.32 29.03
N ASN A 351 -18.00 12.00 28.84
CA ASN A 351 -17.08 11.11 29.57
C ASN A 351 -15.58 11.19 29.18
N VAL A 352 -15.17 12.33 28.64
CA VAL A 352 -13.82 12.55 28.06
C VAL A 352 -12.61 12.09 28.90
N ASP A 353 -12.79 11.89 30.21
CA ASP A 353 -11.69 11.46 31.08
C ASP A 353 -11.59 9.95 31.30
N ASP A 354 -12.61 9.22 30.87
CA ASP A 354 -12.57 7.75 30.88
C ASP A 354 -11.88 7.19 29.63
N ILE A 355 -11.38 8.08 28.77
CA ILE A 355 -10.71 7.67 27.53
C ILE A 355 -9.27 8.17 27.40
N THR A 356 -8.46 7.35 26.71
CA THR A 356 -7.11 7.68 26.25
C THR A 356 -7.20 7.91 24.74
N LEU A 357 -6.58 8.98 24.26
CA LEU A 357 -6.52 9.23 22.82
C LEU A 357 -5.09 9.35 22.32
N VAL A 358 -4.75 8.56 21.29
CA VAL A 358 -3.55 8.82 20.50
C VAL A 358 -3.93 9.88 19.46
N PRO A 359 -3.37 11.10 19.61
CA PRO A 359 -3.82 12.28 18.89
C PRO A 359 -3.04 12.59 17.60
N GLY A 360 -3.53 13.58 16.86
CA GLY A 360 -2.77 14.20 15.78
C GLY A 360 -3.51 14.10 14.46
N THR A 361 -2.80 13.62 13.44
CA THR A 361 -3.35 13.43 12.11
C THR A 361 -4.13 12.12 11.96
N LEU A 362 -4.19 11.33 13.05
CA LEU A 362 -5.09 10.19 13.15
C LEU A 362 -5.53 10.04 14.59
N GLY A 363 -6.73 9.52 14.78
CA GLY A 363 -7.23 9.25 16.12
C GLY A 363 -7.22 7.78 16.44
N ARG A 364 -6.75 7.44 17.63
CA ARG A 364 -6.91 6.09 18.18
C ARG A 364 -7.38 6.17 19.64
N ILE A 365 -8.61 5.74 19.88
CA ILE A 365 -9.25 5.80 21.21
C ILE A 365 -9.37 4.43 21.88
N ARG A 366 -9.00 4.37 23.15
CA ARG A 366 -9.33 3.23 24.02
C ARG A 366 -9.72 3.74 25.41
N ALA A 367 -10.14 2.83 26.30
CA ALA A 367 -10.51 3.21 27.65
C ALA A 367 -9.25 3.59 28.44
N LYS A 368 -9.40 4.58 29.33
CA LYS A 368 -8.30 4.97 30.21
C LYS A 368 -8.01 3.86 31.20
N SER A 369 -9.05 3.13 31.59
CA SER A 369 -8.95 2.06 32.58
C SER A 369 -9.80 0.83 32.23
N ILE A 370 -9.17 -0.34 32.16
CA ILE A 370 -9.85 -1.62 31.88
C ILE A 370 -10.80 -2.07 33.01
N ASN A 371 -10.65 -1.45 34.18
CA ASN A 371 -11.52 -1.73 35.34
C ASN A 371 -12.84 -0.95 35.34
N ASN A 372 -13.04 -0.12 34.31
CA ASN A 372 -14.30 0.58 34.09
C ASN A 372 -15.20 -0.21 33.14
N SER A 373 -16.20 -0.85 33.72
CA SER A 373 -17.11 -1.74 32.99
C SER A 373 -18.28 -0.98 32.32
N LYS A 374 -18.32 0.33 32.51
CA LYS A 374 -19.38 1.16 31.96
C LYS A 374 -19.01 1.77 30.61
N TYR A 375 -17.69 1.92 30.37
CA TYR A 375 -17.16 2.39 29.07
C TYR A 375 -17.73 1.53 27.94
N ASP A 376 -18.28 2.20 26.91
CA ASP A 376 -18.96 1.52 25.81
C ASP A 376 -18.57 2.11 24.44
N PRO A 377 -17.78 1.36 23.63
CA PRO A 377 -17.37 1.84 22.31
C PRO A 377 -18.54 2.20 21.39
N LYS A 378 -19.66 1.49 21.56
CA LYS A 378 -20.85 1.70 20.73
C LYS A 378 -21.38 3.14 20.82
N THR A 379 -21.61 3.59 22.05
CA THR A 379 -22.10 4.95 22.29
C THR A 379 -21.03 6.03 22.02
N ILE A 380 -19.76 5.66 22.12
CA ILE A 380 -18.69 6.60 21.78
C ILE A 380 -18.70 6.91 20.29
N ILE A 381 -18.73 5.87 19.45
CA ILE A 381 -18.86 6.05 17.99
C ILE A 381 -20.08 6.91 17.67
N ALA A 382 -21.23 6.52 18.18
CA ALA A 382 -22.48 7.25 17.92
C ALA A 382 -22.33 8.73 18.23
N ALA A 383 -21.71 9.03 19.36
CA ALA A 383 -21.50 10.42 19.79
C ALA A 383 -20.50 11.20 18.93
N LEU A 384 -19.69 10.50 18.13
CA LEU A 384 -18.72 11.15 17.23
C LEU A 384 -19.21 11.17 15.78
N THR A 385 -20.43 10.69 15.54
CA THR A 385 -20.94 10.50 14.18
C THR A 385 -21.82 11.62 13.67
N CYS A 386 -21.37 12.25 12.57
CA CYS A 386 -22.08 13.31 11.86
C CYS A 386 -22.73 14.34 12.80
N LYS A 387 -21.97 14.82 13.77
CA LYS A 387 -22.49 15.68 14.82
C LYS A 387 -22.46 17.17 14.51
N LYS A 388 -21.48 17.60 13.73
CA LYS A 388 -21.33 19.00 13.31
C LYS A 388 -21.34 19.04 11.79
N PRO A 389 -22.04 20.01 11.17
CA PRO A 389 -22.22 20.00 9.71
C PRO A 389 -20.92 19.97 8.89
N ASP A 390 -19.79 20.40 9.48
CA ASP A 390 -18.52 20.50 8.75
C ASP A 390 -17.43 19.56 9.26
N GLN A 391 -17.80 18.69 10.20
CA GLN A 391 -16.91 17.80 10.94
C GLN A 391 -15.67 17.34 10.16
N HIS A 392 -14.49 17.47 10.76
CA HIS A 392 -13.23 17.19 10.05
C HIS A 392 -12.51 15.89 10.47
N PHE A 393 -13.26 14.94 11.04
CA PHE A 393 -12.81 13.58 11.23
C PHE A 393 -14.03 12.66 11.13
N LYS A 394 -13.81 11.37 10.88
CA LYS A 394 -14.88 10.38 10.87
C LYS A 394 -14.48 9.19 11.72
N PRO A 395 -15.35 8.80 12.67
CA PRO A 395 -15.06 7.62 13.48
C PRO A 395 -15.34 6.34 12.70
N TYR A 396 -14.57 5.31 13.03
CA TYR A 396 -14.72 3.99 12.45
C TYR A 396 -14.41 2.94 13.50
N MET A 397 -15.12 1.82 13.48
CA MET A 397 -14.58 0.62 14.11
C MET A 397 -13.47 0.19 13.14
N LYS A 398 -12.32 -0.25 13.65
CA LYS A 398 -11.20 -0.57 12.76
C LYS A 398 -11.58 -1.53 11.61
N GLN A 399 -12.44 -2.52 11.89
CA GLN A 399 -12.84 -3.49 10.86
C GLN A 399 -13.66 -2.86 9.71
N HIS A 400 -14.14 -1.63 9.93
CA HIS A 400 -14.91 -0.92 8.91
C HIS A 400 -14.08 0.08 8.11
N LEU A 401 -12.82 0.28 8.51
CA LEU A 401 -11.92 1.11 7.73
C LEU A 401 -11.79 0.53 6.32
N PRO A 402 -11.69 1.41 5.30
CA PRO A 402 -11.45 0.94 3.94
C PRO A 402 -10.37 -0.14 3.89
N LYS A 403 -10.65 -1.20 3.14
CA LYS A 403 -9.77 -2.34 3.08
C LYS A 403 -8.39 -2.03 2.46
N ARG A 404 -8.33 -1.01 1.60
CA ARG A 404 -7.06 -0.62 1.00
C ARG A 404 -6.01 -0.13 2.01
N LEU A 405 -6.44 0.20 3.22
CA LEU A 405 -5.52 0.71 4.25
C LEU A 405 -4.86 -0.43 5.01
N HIS A 406 -5.49 -1.61 4.97
CA HIS A 406 -4.93 -2.80 5.62
C HIS A 406 -4.55 -2.50 7.07
N TYR A 407 -5.47 -1.89 7.81
CA TYR A 407 -5.14 -1.37 9.13
C TYR A 407 -6.09 -1.84 10.21
N ALA A 408 -5.96 -3.10 10.62
CA ALA A 408 -6.87 -3.65 11.61
C ALA A 408 -6.35 -4.89 12.32
N ASN A 409 -5.70 -5.79 11.59
CA ASN A 409 -5.27 -7.07 12.15
C ASN A 409 -3.99 -6.99 13.00
N ASN A 410 -4.07 -6.27 14.11
CA ASN A 410 -3.00 -6.21 15.09
C ASN A 410 -3.57 -5.73 16.41
N ARG A 411 -3.20 -6.41 17.49
CA ARG A 411 -3.68 -6.11 18.84
C ARG A 411 -3.26 -4.71 19.32
N ARG A 412 -2.31 -4.09 18.60
CA ARG A 412 -1.82 -2.75 18.93
C ARG A 412 -2.60 -1.62 18.26
N ILE A 413 -3.52 -1.96 17.37
CA ILE A 413 -4.38 -0.97 16.73
C ILE A 413 -5.67 -0.98 17.53
N GLU A 414 -6.06 0.18 18.04
CA GLU A 414 -7.24 0.26 18.91
C GLU A 414 -8.54 0.04 18.11
N ASP A 415 -9.51 -0.60 18.76
CA ASP A 415 -10.80 -0.88 18.10
C ASP A 415 -11.42 0.35 17.43
N ILE A 416 -11.28 1.53 18.06
CA ILE A 416 -11.86 2.78 17.56
C ILE A 416 -10.79 3.68 16.93
N HIS A 417 -11.04 4.07 15.68
CA HIS A 417 -10.09 4.86 14.90
C HIS A 417 -10.79 6.09 14.35
N LEU A 418 -10.05 7.19 14.28
CA LEU A 418 -10.57 8.42 13.65
C LEU A 418 -9.74 8.73 12.43
N LEU A 419 -10.37 8.67 11.25
CA LEU A 419 -9.74 9.13 10.02
C LEU A 419 -9.95 10.62 9.94
N VAL A 420 -8.85 11.34 10.05
CA VAL A 420 -8.88 12.81 10.09
C VAL A 420 -8.70 13.41 8.70
N ASP A 421 -9.48 14.44 8.39
CA ASP A 421 -9.32 15.19 7.15
C ASP A 421 -7.92 15.75 6.98
N ARG A 422 -7.41 15.69 5.75
CA ARG A 422 -6.18 16.40 5.40
C ARG A 422 -6.30 17.85 5.87
N ARG A 423 -5.21 18.37 6.43
CA ARG A 423 -5.09 19.77 6.90
C ARG A 423 -5.53 19.98 8.35
N TRP A 424 -6.07 18.93 8.98
CA TRP A 424 -6.59 19.02 10.35
C TRP A 424 -5.91 18.14 11.40
N HIS A 425 -6.23 18.41 12.67
CA HIS A 425 -5.73 17.66 13.81
C HIS A 425 -6.92 17.26 14.69
N VAL A 426 -6.74 16.22 15.49
CA VAL A 426 -7.70 15.86 16.51
C VAL A 426 -6.95 15.71 17.83
N ALA A 427 -7.50 16.31 18.88
CA ALA A 427 -6.95 16.22 20.23
C ALA A 427 -8.09 15.96 21.20
N ARG A 428 -7.74 15.58 22.43
CA ARG A 428 -8.72 15.25 23.45
C ARG A 428 -9.42 16.49 24.03
N LYS A 429 -8.63 17.35 24.70
CA LYS A 429 -9.10 18.62 25.28
C LYS A 429 -8.25 19.75 24.70
N PRO A 430 -8.77 20.99 24.72
CA PRO A 430 -7.95 22.12 24.26
C PRO A 430 -6.66 22.38 25.06
N LEU A 431 -6.59 21.90 26.31
CA LEU A 431 -5.40 22.07 27.14
C LEU A 431 -4.21 21.32 26.56
N ASP A 432 -4.48 20.17 25.94
CA ASP A 432 -3.46 19.32 25.28
C ASP A 432 -2.71 20.04 24.16
N VAL A 433 -3.36 21.01 23.53
CA VAL A 433 -2.76 21.77 22.44
C VAL A 433 -1.89 22.94 22.92
N TYR A 434 -2.38 23.74 23.87
CA TYR A 434 -1.61 24.90 24.37
C TYR A 434 -0.65 24.62 25.56
N LYS A 435 -0.95 23.60 26.36
CA LYS A 435 -0.04 23.11 27.42
C LYS A 435 0.67 21.82 26.93
N LYS A 436 1.57 21.99 25.95
CA LYS A 436 2.29 20.87 25.33
C LYS A 436 3.80 21.12 25.29
N CYS A 441 1.65 29.15 18.73
CA CYS A 441 1.58 27.87 18.02
C CYS A 441 2.88 27.43 17.34
N PHE A 442 3.25 26.17 17.56
CA PHE A 442 4.58 25.65 17.19
C PHE A 442 4.72 25.24 15.70
N PHE A 443 3.74 24.52 15.17
CA PHE A 443 3.88 23.85 13.86
C PHE A 443 3.05 24.47 12.73
N GLN A 444 3.57 24.35 11.52
CA GLN A 444 2.84 24.77 10.33
C GLN A 444 2.66 23.62 9.33
N GLY A 445 3.21 22.46 9.66
CA GLY A 445 3.15 21.25 8.84
C GLY A 445 3.03 19.96 9.63
N ASP A 446 2.45 18.95 9.01
CA ASP A 446 2.33 17.63 9.60
C ASP A 446 1.94 16.59 8.55
N HIS A 447 1.86 15.33 8.96
CA HIS A 447 1.64 14.19 8.07
C HIS A 447 1.12 13.03 8.91
N GLY A 448 0.64 11.99 8.23
CA GLY A 448 0.02 10.84 8.90
C GLY A 448 -1.36 10.51 8.38
N PHE A 449 -1.92 11.36 7.52
CA PHE A 449 -3.25 11.15 6.93
C PHE A 449 -3.30 9.93 6.01
N ASP A 450 -4.52 9.53 5.67
CA ASP A 450 -4.85 8.58 4.61
C ASP A 450 -3.81 8.58 3.47
N ASN A 451 -3.34 7.41 3.09
CA ASN A 451 -2.21 7.36 2.16
C ASN A 451 -2.56 7.61 0.71
N LYS A 452 -3.83 7.91 0.43
CA LYS A 452 -4.23 8.26 -0.93
C LYS A 452 -4.17 9.77 -1.18
N VAL A 453 -3.99 10.53 -0.10
CA VAL A 453 -3.94 12.01 -0.12
C VAL A 453 -2.68 12.52 -0.81
N ASN A 454 -2.87 13.35 -1.85
CA ASN A 454 -1.75 13.88 -2.66
C ASN A 454 -0.56 14.40 -1.88
N SER A 455 -0.82 15.20 -0.86
CA SER A 455 0.25 15.85 -0.11
C SER A 455 1.12 14.84 0.65
N MET A 456 0.59 13.64 0.89
CA MET A 456 1.33 12.54 1.54
C MET A 456 2.24 11.71 0.63
N GLN A 457 2.07 11.81 -0.69
CA GLN A 457 2.91 11.05 -1.62
C GLN A 457 4.38 11.43 -1.48
N THR A 458 5.26 10.49 -1.77
CA THR A 458 6.68 10.74 -1.61
C THR A 458 7.41 10.36 -2.90
N VAL A 459 8.74 10.22 -2.85
CA VAL A 459 9.50 9.98 -4.09
C VAL A 459 10.17 8.62 -4.22
N PHE A 460 10.38 8.22 -5.47
CA PHE A 460 11.31 7.15 -5.80
C PHE A 460 12.17 7.50 -7.02
N VAL A 461 13.49 7.38 -6.85
CA VAL A 461 14.42 7.38 -7.99
C VAL A 461 15.39 6.21 -7.84
N GLY A 462 15.60 5.49 -8.94
CA GLY A 462 16.62 4.43 -8.98
C GLY A 462 17.66 4.74 -10.04
N TYR A 463 18.93 4.65 -9.66
CA TYR A 463 20.01 4.97 -10.58
C TYR A 463 21.14 3.97 -10.47
N GLY A 464 21.52 3.37 -11.59
CA GLY A 464 22.64 2.44 -11.62
C GLY A 464 22.53 1.40 -12.71
N PRO A 465 23.50 0.45 -12.74
CA PRO A 465 23.61 -0.49 -13.86
C PRO A 465 22.44 -1.47 -13.94
N THR A 466 21.85 -1.80 -12.80
CA THR A 466 20.69 -2.70 -12.77
C THR A 466 19.36 -1.97 -13.07
N PHE A 467 19.32 -0.65 -12.86
CA PHE A 467 18.14 0.14 -13.23
C PHE A 467 18.15 0.59 -14.70
N LYS A 468 16.98 0.96 -15.22
CA LYS A 468 16.88 1.41 -16.59
C LYS A 468 17.43 2.81 -16.80
N TYR A 469 17.56 3.19 -18.07
CA TYR A 469 18.13 4.45 -18.45
C TYR A 469 17.03 5.39 -18.93
N ARG A 470 17.03 6.63 -18.44
CA ARG A 470 16.06 7.67 -18.84
C ARG A 470 14.60 7.19 -18.91
N THR A 471 14.13 6.50 -17.88
CA THR A 471 12.82 5.84 -17.95
C THR A 471 11.84 6.29 -16.87
N LYS A 472 10.65 6.72 -17.28
CA LYS A 472 9.58 6.99 -16.33
C LYS A 472 8.79 5.71 -16.14
N VAL A 473 8.49 5.37 -14.89
CA VAL A 473 7.54 4.29 -14.59
C VAL A 473 6.34 4.86 -13.87
N PRO A 474 5.19 4.16 -13.91
CA PRO A 474 3.99 4.66 -13.23
C PRO A 474 4.12 4.64 -11.70
N PRO A 475 3.27 5.40 -10.98
CA PRO A 475 3.28 5.37 -9.52
C PRO A 475 3.07 3.96 -9.00
N PHE A 476 3.78 3.61 -7.93
CA PHE A 476 3.62 2.33 -7.27
C PHE A 476 3.67 2.51 -5.76
N GLU A 477 3.42 1.43 -5.02
CA GLU A 477 3.37 1.47 -3.55
C GLU A 477 4.69 1.01 -2.90
N ASN A 478 5.06 1.64 -1.80
CA ASN A 478 6.33 1.33 -1.18
C ASN A 478 6.50 -0.12 -0.65
N ILE A 479 5.39 -0.81 -0.36
CA ILE A 479 5.45 -2.25 0.01
C ILE A 479 6.17 -3.09 -1.05
N GLU A 480 6.27 -2.58 -2.28
CA GLU A 480 6.85 -3.31 -3.39
C GLU A 480 8.39 -3.27 -3.46
N LEU A 481 9.00 -2.28 -2.82
CA LEU A 481 10.46 -2.12 -2.93
C LEU A 481 11.31 -3.27 -2.35
N TYR A 482 10.89 -3.84 -1.21
CA TYR A 482 11.65 -4.91 -0.57
C TYR A 482 12.04 -6.00 -1.56
N ASN A 483 11.08 -6.47 -2.37
CA ASN A 483 11.37 -7.50 -3.36
C ASN A 483 12.49 -7.06 -4.33
N VAL A 484 12.42 -5.82 -4.79
CA VAL A 484 13.33 -5.31 -5.79
C VAL A 484 14.72 -5.20 -5.19
N MET A 485 14.79 -4.70 -3.96
CA MET A 485 16.07 -4.57 -3.31
C MET A 485 16.72 -5.93 -3.16
N CYS A 486 15.90 -6.95 -2.91
CA CYS A 486 16.36 -8.35 -2.86
C CYS A 486 16.83 -8.83 -4.24
N ASP A 487 16.05 -8.55 -5.28
CA ASP A 487 16.50 -8.80 -6.65
C ASP A 487 17.84 -8.11 -6.94
N LEU A 488 17.98 -6.85 -6.51
CA LEU A 488 19.20 -6.09 -6.76
C LEU A 488 20.42 -6.70 -6.08
N LEU A 489 20.18 -7.55 -5.09
CA LEU A 489 21.25 -8.10 -4.28
C LEU A 489 21.43 -9.60 -4.50
N GLY A 490 20.59 -10.19 -5.36
CA GLY A 490 20.61 -11.63 -5.59
C GLY A 490 20.05 -12.43 -4.42
N LEU A 491 19.07 -11.86 -3.70
CA LEU A 491 18.51 -12.48 -2.50
C LEU A 491 17.12 -13.04 -2.72
N LYS A 492 16.75 -13.97 -1.85
CA LYS A 492 15.42 -14.52 -1.88
C LYS A 492 14.61 -13.83 -0.80
N PRO A 493 13.55 -13.13 -1.20
CA PRO A 493 12.73 -12.36 -0.26
C PRO A 493 12.02 -13.25 0.75
N ALA A 494 11.90 -12.79 1.99
CA ALA A 494 11.07 -13.46 3.01
C ALA A 494 9.61 -13.23 2.61
N PRO A 495 8.68 -14.09 3.06
CA PRO A 495 7.29 -13.83 2.61
C PRO A 495 6.80 -12.42 2.98
N ASN A 496 6.31 -11.67 2.00
CA ASN A 496 5.89 -10.27 2.25
C ASN A 496 4.64 -9.91 1.46
N ASN A 497 4.21 -8.64 1.52
CA ASN A 497 2.96 -8.17 0.85
C ASN A 497 3.17 -7.52 -0.51
N GLY A 498 4.43 -7.38 -0.93
CA GLY A 498 4.67 -7.02 -2.32
C GLY A 498 4.11 -8.08 -3.24
N THR A 499 4.01 -7.76 -4.51
CA THR A 499 3.63 -8.74 -5.51
C THR A 499 4.85 -8.88 -6.40
N HIS A 500 5.61 -9.96 -6.21
CA HIS A 500 6.93 -10.07 -6.81
C HIS A 500 6.86 -10.22 -8.33
N GLY A 501 7.44 -9.25 -9.04
CA GLY A 501 7.39 -9.18 -10.50
C GLY A 501 6.61 -7.99 -10.99
N SER A 502 5.89 -7.33 -10.09
CA SER A 502 5.04 -6.20 -10.48
C SER A 502 5.85 -4.95 -10.78
N LEU A 503 7.11 -4.92 -10.31
CA LEU A 503 8.04 -3.85 -10.63
C LEU A 503 9.23 -4.30 -11.48
N ASN A 504 9.05 -5.32 -12.33
CA ASN A 504 10.12 -5.74 -13.27
C ASN A 504 10.45 -4.64 -14.27
N HIS A 505 9.43 -3.85 -14.63
CA HIS A 505 9.61 -2.77 -15.61
C HIS A 505 10.56 -1.67 -15.16
N LEU A 506 10.99 -1.71 -13.90
CA LEU A 506 12.01 -0.81 -13.37
C LEU A 506 13.42 -1.25 -13.71
N LEU A 507 13.59 -2.54 -14.01
CA LEU A 507 14.93 -3.15 -14.02
C LEU A 507 15.42 -3.49 -15.42
N ARG A 508 16.73 -3.29 -15.61
CA ARG A 508 17.40 -3.61 -16.86
C ARG A 508 17.53 -5.12 -16.94
N THR A 509 18.09 -5.72 -15.89
CA THR A 509 18.23 -7.18 -15.79
C THR A 509 17.85 -7.62 -14.38
N ASN A 510 18.37 -8.77 -13.94
CA ASN A 510 18.07 -9.38 -12.62
C ASN A 510 16.57 -9.57 -12.36
N THR A 511 15.77 -9.55 -13.42
CA THR A 511 14.32 -9.66 -13.25
C THR A 511 14.00 -11.07 -12.72
N PHE A 512 13.03 -11.11 -11.82
CA PHE A 512 12.48 -12.34 -11.24
C PHE A 512 11.34 -12.72 -12.15
N ARG A 513 11.30 -13.98 -12.58
CA ARG A 513 10.33 -14.38 -13.61
C ARG A 513 9.25 -15.26 -13.02
N PRO A 514 8.09 -14.68 -12.71
CA PRO A 514 7.08 -15.41 -11.94
C PRO A 514 6.11 -16.23 -12.78
N THR A 515 5.57 -17.28 -12.18
CA THR A 515 4.57 -18.13 -12.83
C THR A 515 3.19 -17.91 -12.22
N MET A 516 2.16 -18.22 -12.99
CA MET A 516 0.79 -18.10 -12.50
C MET A 516 0.53 -19.20 -11.47
N PRO A 517 -0.11 -18.86 -10.35
CA PRO A 517 -0.41 -19.92 -9.39
C PRO A 517 -1.31 -20.96 -10.04
N ASP A 518 -1.16 -22.23 -9.64
CA ASP A 518 -1.92 -23.30 -10.23
C ASP A 518 -3.33 -23.28 -9.68
N GLU A 519 -4.32 -23.59 -10.51
CA GLU A 519 -5.69 -23.72 -10.00
C GLU A 519 -5.80 -24.96 -9.13
N VAL A 520 -6.37 -24.81 -7.95
CA VAL A 520 -6.56 -25.93 -7.02
C VAL A 520 -7.88 -26.66 -7.26
N SER A 521 -8.95 -25.90 -7.52
CA SER A 521 -10.29 -26.50 -7.70
C SER A 521 -10.81 -26.32 -9.09
N ARG A 522 -11.18 -27.43 -9.73
CA ARG A 522 -11.76 -27.39 -11.06
C ARG A 522 -13.30 -27.38 -10.96
N PRO A 523 -13.97 -26.59 -11.81
CA PRO A 523 -15.42 -26.49 -11.72
C PRO A 523 -16.17 -27.68 -12.30
N ASN A 524 -17.43 -27.81 -11.90
CA ASN A 524 -18.39 -28.66 -12.56
C ASN A 524 -19.15 -27.82 -13.57
N TYR A 525 -19.63 -28.45 -14.64
CA TYR A 525 -20.48 -27.79 -15.63
C TYR A 525 -21.83 -28.51 -15.69
N PRO A 526 -22.74 -28.18 -14.76
CA PRO A 526 -24.04 -28.87 -14.68
C PRO A 526 -25.00 -28.50 -15.81
N GLY A 527 -25.71 -29.48 -16.33
CA GLY A 527 -26.81 -29.22 -17.26
C GLY A 527 -28.13 -29.25 -16.49
N ILE A 528 -29.24 -29.34 -17.21
CA ILE A 528 -30.58 -29.43 -16.62
C ILE A 528 -30.81 -30.76 -15.89
N MET A 529 -30.97 -30.71 -14.56
CA MET A 529 -30.91 -31.93 -13.74
C MET A 529 -32.07 -32.08 -12.74
N TYR A 530 -32.95 -31.08 -12.68
CA TYR A 530 -33.98 -31.00 -11.65
C TYR A 530 -35.26 -30.46 -12.23
N LEU A 531 -36.39 -30.92 -11.70
CA LEU A 531 -37.69 -30.41 -12.14
C LEU A 531 -38.15 -29.31 -11.19
N GLN A 532 -38.82 -28.30 -11.74
CA GLN A 532 -39.35 -27.17 -10.97
C GLN A 532 -39.95 -27.60 -9.62
N SER A 533 -40.79 -28.64 -9.67
CA SER A 533 -41.55 -29.06 -8.49
C SER A 533 -40.72 -29.66 -7.36
N GLU A 534 -39.43 -29.94 -7.60
CA GLU A 534 -38.54 -30.45 -6.55
C GLU A 534 -38.09 -29.34 -5.62
N PHE A 535 -38.20 -28.10 -6.10
CA PHE A 535 -37.84 -26.94 -5.30
C PHE A 535 -39.01 -26.50 -4.44
N ASP A 536 -38.78 -26.44 -3.14
CA ASP A 536 -39.72 -25.81 -2.23
C ASP A 536 -38.99 -24.69 -1.51
N LEU A 537 -38.84 -23.56 -2.21
CA LEU A 537 -38.02 -22.48 -1.69
C LEU A 537 -38.86 -21.36 -1.11
N GLY A 538 -40.16 -21.36 -1.44
CA GLY A 538 -41.06 -20.32 -0.96
C GLY A 538 -40.90 -19.09 -1.82
N CYS A 539 -40.42 -19.28 -3.04
CA CYS A 539 -40.29 -18.22 -4.03
C CYS A 539 -41.37 -18.37 -5.09
N THR A 540 -41.89 -17.25 -5.56
CA THR A 540 -42.81 -17.23 -6.71
C THR A 540 -42.26 -16.39 -7.85
N CYS A 541 -42.70 -16.70 -9.06
CA CYS A 541 -42.46 -15.83 -10.20
C CYS A 541 -43.61 -15.88 -11.20
N ASP A 542 -44.00 -14.71 -11.70
CA ASP A 542 -44.93 -14.62 -12.82
C ASP A 542 -44.15 -14.89 -14.12
N ASP A 543 -43.73 -16.14 -14.31
CA ASP A 543 -42.98 -16.53 -15.51
C ASP A 543 -43.66 -17.63 -16.32
N LYS A 544 -44.98 -17.74 -16.16
CA LYS A 544 -45.79 -18.78 -16.81
C LYS A 544 -46.49 -18.28 -18.11
N VAL A 545 -45.70 -17.80 -19.06
CA VAL A 545 -46.19 -17.57 -20.44
C VAL A 545 -45.23 -18.27 -21.42
N GLU A 546 -45.77 -18.78 -22.53
CA GLU A 546 -45.00 -19.60 -23.50
C GLU A 546 -43.87 -18.84 -24.22
N ASN A 549 -41.58 -22.70 -30.33
CA ASN A 549 -40.83 -22.11 -31.43
C ASN A 549 -39.46 -22.79 -31.60
N LYS A 550 -39.25 -23.42 -32.77
CA LYS A 550 -38.01 -24.17 -33.06
C LYS A 550 -36.74 -23.33 -33.29
N LEU A 551 -36.91 -22.13 -33.87
CA LEU A 551 -35.79 -21.22 -34.14
C LEU A 551 -35.17 -20.67 -32.84
N GLU A 552 -36.02 -20.21 -31.93
CA GLU A 552 -35.62 -19.54 -30.69
C GLU A 552 -35.33 -20.45 -29.47
N GLU A 553 -35.63 -21.74 -29.61
CA GLU A 553 -35.32 -22.73 -28.55
C GLU A 553 -33.93 -23.33 -28.70
N LEU A 554 -33.46 -23.47 -29.93
CA LEU A 554 -32.08 -23.88 -30.18
C LEU A 554 -31.14 -22.75 -29.70
N ASN A 555 -31.63 -21.52 -29.85
CA ASN A 555 -30.91 -20.29 -29.49
C ASN A 555 -30.57 -20.14 -28.00
N LYS A 556 -31.56 -20.40 -27.14
CA LYS A 556 -31.40 -20.34 -25.67
C LYS A 556 -30.54 -21.49 -25.10
N ARG A 557 -30.61 -22.65 -25.77
CA ARG A 557 -29.75 -23.81 -25.45
C ARG A 557 -28.27 -23.45 -25.59
N LEU A 558 -27.91 -22.87 -26.74
CA LEU A 558 -26.52 -22.52 -27.04
C LEU A 558 -25.99 -21.43 -26.11
N HIS A 559 -26.88 -20.56 -25.63
CA HIS A 559 -26.55 -19.54 -24.61
C HIS A 559 -26.20 -20.18 -23.28
N THR A 560 -26.95 -21.22 -22.90
CA THR A 560 -26.76 -21.96 -21.64
C THR A 560 -25.62 -23.00 -21.74
N LYS A 561 -25.06 -23.16 -22.93
CA LYS A 561 -23.83 -23.96 -23.14
C LYS A 561 -22.59 -23.05 -23.22
N GLY A 562 -22.79 -21.80 -23.66
CA GLY A 562 -21.75 -20.78 -23.63
C GLY A 562 -21.43 -20.11 -24.96
N SER A 563 -22.45 -19.74 -25.73
CA SER A 563 -22.24 -19.09 -27.04
C SER A 563 -21.88 -17.60 -26.96
N THR A 564 -22.24 -16.96 -25.84
CA THR A 564 -21.88 -15.56 -25.60
C THR A 564 -20.76 -15.44 -24.56
N LYS A 565 -20.18 -16.58 -24.15
CA LYS A 565 -19.17 -16.58 -23.09
C LYS A 565 -17.91 -15.78 -23.44
N GLU A 566 -17.54 -15.78 -24.72
CA GLU A 566 -16.38 -15.03 -25.23
C GLU A 566 -16.62 -13.52 -25.09
N ARG A 567 -17.89 -13.14 -25.01
CA ARG A 567 -18.32 -11.76 -24.88
C ARG A 567 -18.26 -11.28 -23.41
N HIS A 568 -18.62 -12.15 -22.48
CA HIS A 568 -18.78 -11.77 -21.07
C HIS A 568 -17.65 -12.20 -20.16
N LEU A 569 -16.84 -13.12 -20.65
CA LEU A 569 -15.66 -13.56 -19.95
C LEU A 569 -14.44 -13.22 -20.82
N LEU A 570 -13.96 -11.99 -20.69
CA LEU A 570 -12.96 -11.45 -21.62
C LEU A 570 -11.52 -11.88 -21.37
N TYR A 571 -11.21 -12.27 -20.14
CA TYR A 571 -9.82 -12.50 -19.71
C TYR A 571 -9.67 -13.86 -19.06
N GLY A 572 -10.50 -14.81 -19.47
CA GLY A 572 -10.51 -16.14 -18.91
C GLY A 572 -11.38 -16.17 -17.66
N ARG A 573 -11.73 -17.36 -17.22
CA ARG A 573 -12.42 -17.48 -15.94
C ARG A 573 -11.36 -17.39 -14.83
N PRO A 574 -11.71 -16.76 -13.70
CA PRO A 574 -10.80 -16.71 -12.56
C PRO A 574 -10.47 -18.11 -12.06
N ALA A 575 -9.27 -18.29 -11.53
CA ALA A 575 -8.87 -19.56 -10.96
C ALA A 575 -9.20 -19.59 -9.46
N VAL A 576 -9.77 -20.69 -8.99
CA VAL A 576 -10.02 -20.88 -7.55
C VAL A 576 -8.80 -21.51 -6.90
N LEU A 577 -8.08 -20.75 -6.08
CA LEU A 577 -6.82 -21.21 -5.50
C LEU A 577 -6.97 -21.91 -4.15
N TYR A 578 -8.15 -22.43 -3.85
CA TYR A 578 -8.35 -23.25 -2.66
C TYR A 578 -9.23 -24.46 -2.97
N ARG A 579 -9.37 -25.35 -2.00
CA ARG A 579 -10.21 -26.54 -2.10
C ARG A 579 -11.71 -26.24 -1.86
N THR A 580 -12.52 -26.32 -2.90
CA THR A 580 -13.96 -26.09 -2.75
C THR A 580 -14.74 -26.77 -3.86
N SER A 581 -16.07 -26.62 -3.83
CA SER A 581 -16.94 -27.24 -4.78
C SER A 581 -17.80 -26.16 -5.47
N TYR A 582 -17.58 -25.93 -6.76
CA TYR A 582 -18.37 -24.89 -7.46
C TYR A 582 -18.73 -25.27 -8.87
N ASP A 583 -19.68 -24.52 -9.45
CA ASP A 583 -20.17 -24.75 -10.81
C ASP A 583 -20.03 -23.50 -11.65
N ILE A 584 -19.72 -23.67 -12.93
CA ILE A 584 -19.76 -22.58 -13.88
C ILE A 584 -21.17 -22.54 -14.43
N LEU A 585 -21.80 -21.36 -14.44
CA LEU A 585 -23.15 -21.22 -14.99
C LEU A 585 -23.17 -20.18 -16.11
N TYR A 586 -23.62 -20.60 -17.29
CA TYR A 586 -23.68 -19.76 -18.46
C TYR A 586 -25.07 -19.16 -18.68
N HIS A 587 -25.12 -17.95 -19.25
CA HIS A 587 -26.37 -17.25 -19.56
C HIS A 587 -26.10 -16.32 -20.72
N THR A 588 -27.17 -15.84 -21.35
CA THR A 588 -27.08 -14.92 -22.46
C THR A 588 -26.22 -13.72 -22.10
N ASP A 589 -26.51 -13.13 -20.95
CA ASP A 589 -25.93 -11.83 -20.54
C ASP A 589 -24.72 -11.90 -19.59
N PHE A 590 -24.51 -13.03 -18.95
CA PHE A 590 -23.51 -13.13 -17.90
C PHE A 590 -23.11 -14.56 -17.58
N GLU A 591 -21.95 -14.70 -16.96
CA GLU A 591 -21.41 -15.99 -16.58
C GLU A 591 -21.01 -15.97 -15.10
N SER A 592 -21.25 -17.06 -14.39
CA SER A 592 -20.90 -17.07 -12.96
C SER A 592 -20.22 -18.36 -12.50
N GLY A 593 -19.41 -18.24 -11.45
CA GLY A 593 -18.86 -19.40 -10.74
C GLY A 593 -19.62 -19.55 -9.42
N TYR A 594 -20.54 -20.51 -9.36
CA TYR A 594 -21.48 -20.65 -8.24
C TYR A 594 -20.97 -21.62 -7.18
N SER A 595 -20.83 -21.15 -5.94
CA SER A 595 -20.30 -21.98 -4.84
C SER A 595 -21.36 -22.79 -4.12
N GLU A 596 -21.27 -24.12 -4.22
CA GLU A 596 -22.22 -25.00 -3.53
C GLU A 596 -22.07 -24.94 -2.00
N ILE A 597 -20.92 -24.47 -1.55
CA ILE A 597 -20.61 -24.34 -0.11
C ILE A 597 -21.21 -23.07 0.51
N PHE A 598 -21.02 -21.94 -0.15
CA PHE A 598 -21.52 -20.65 0.35
C PHE A 598 -22.91 -20.32 -0.21
N LEU A 599 -23.38 -21.13 -1.16
CA LEU A 599 -24.74 -21.04 -1.70
C LEU A 599 -25.00 -19.76 -2.53
N MET A 600 -23.93 -19.21 -3.10
CA MET A 600 -24.02 -17.99 -3.93
C MET A 600 -22.82 -17.98 -4.88
N PRO A 601 -22.81 -17.05 -5.86
CA PRO A 601 -21.61 -17.07 -6.69
C PRO A 601 -20.41 -16.49 -5.96
N LEU A 602 -19.22 -17.00 -6.27
CA LEU A 602 -17.98 -16.41 -5.85
C LEU A 602 -17.65 -15.24 -6.75
N TRP A 603 -18.14 -15.31 -7.98
CA TRP A 603 -17.92 -14.28 -8.97
C TRP A 603 -18.98 -14.34 -10.05
N THR A 604 -19.27 -13.19 -10.62
CA THR A 604 -20.17 -13.07 -11.75
C THR A 604 -19.53 -12.10 -12.73
N SER A 605 -19.49 -12.46 -14.01
CA SER A 605 -18.78 -11.70 -15.04
C SER A 605 -19.68 -11.30 -16.21
N TYR A 606 -19.68 -10.03 -16.57
CA TYR A 606 -20.48 -9.54 -17.70
C TYR A 606 -19.91 -8.30 -18.40
N THR A 607 -20.17 -8.17 -19.68
CA THR A 607 -19.72 -7.02 -20.45
C THR A 607 -20.90 -6.10 -20.84
N ILE A 608 -20.77 -4.81 -20.52
CA ILE A 608 -21.72 -3.79 -20.96
C ILE A 608 -21.01 -2.89 -21.94
N SER A 609 -21.47 -2.88 -23.19
CA SER A 609 -20.84 -2.07 -24.22
C SER A 609 -21.41 -0.65 -24.20
N LYS A 610 -20.74 0.27 -24.88
CA LYS A 610 -21.15 1.70 -24.96
C LYS A 610 -22.61 1.92 -25.41
N GLN A 611 -23.07 1.08 -26.34
CA GLN A 611 -24.40 1.24 -26.96
C GLN A 611 -25.55 0.66 -26.14
N ALA A 612 -25.23 -0.16 -25.13
CA ALA A 612 -26.23 -0.90 -24.35
C ALA A 612 -27.16 0.03 -23.60
N GLU A 613 -28.39 -0.42 -23.37
CA GLU A 613 -29.42 0.43 -22.76
C GLU A 613 -29.96 -0.10 -21.44
N VAL A 614 -30.14 0.82 -20.50
CA VAL A 614 -30.78 0.56 -19.22
C VAL A 614 -32.29 0.42 -19.41
N SER A 615 -32.86 -0.62 -18.82
CA SER A 615 -34.30 -0.78 -18.73
C SER A 615 -34.73 -0.88 -17.27
N SER A 616 -36.03 -1.04 -17.04
CA SER A 616 -36.58 -1.14 -15.69
C SER A 616 -36.83 -2.61 -15.29
N ILE A 617 -37.19 -2.83 -14.03
CA ILE A 617 -37.75 -4.10 -13.61
C ILE A 617 -39.27 -3.98 -13.75
N PRO A 618 -39.86 -4.70 -14.71
CA PRO A 618 -41.32 -4.74 -14.93
C PRO A 618 -42.08 -5.10 -13.65
N GLU A 619 -43.31 -4.62 -13.56
CA GLU A 619 -44.14 -4.76 -12.34
C GLU A 619 -44.42 -6.21 -11.95
N HIS A 620 -44.68 -7.06 -12.93
CA HIS A 620 -45.04 -8.46 -12.66
C HIS A 620 -43.88 -9.32 -12.11
N LEU A 621 -42.65 -8.80 -12.24
CA LEU A 621 -41.45 -9.52 -11.82
C LEU A 621 -40.75 -8.93 -10.59
N THR A 622 -41.40 -7.99 -9.92
CA THR A 622 -40.76 -7.28 -8.81
C THR A 622 -40.21 -8.22 -7.72
N ASN A 623 -41.03 -9.19 -7.31
CA ASN A 623 -40.64 -10.15 -6.27
C ASN A 623 -40.40 -11.56 -6.81
N CYS A 624 -40.00 -11.61 -8.08
CA CYS A 624 -39.76 -12.88 -8.75
C CYS A 624 -38.38 -13.47 -8.42
N VAL A 625 -38.39 -14.69 -7.88
CA VAL A 625 -37.17 -15.47 -7.74
C VAL A 625 -37.45 -16.88 -8.29
N ARG A 626 -36.60 -17.32 -9.21
CA ARG A 626 -36.83 -18.56 -9.94
C ARG A 626 -35.83 -19.62 -9.55
N PRO A 627 -36.30 -20.86 -9.37
CA PRO A 627 -35.42 -22.05 -9.23
C PRO A 627 -34.50 -22.20 -10.43
N ASP A 628 -33.24 -22.57 -10.17
CA ASP A 628 -32.27 -22.86 -11.22
C ASP A 628 -32.17 -24.37 -11.38
N VAL A 629 -32.63 -24.88 -12.52
CA VAL A 629 -32.76 -26.33 -12.76
C VAL A 629 -31.43 -27.06 -12.92
N ARG A 630 -30.34 -26.32 -12.94
CA ARG A 630 -29.00 -26.92 -12.94
C ARG A 630 -28.43 -27.15 -11.54
N VAL A 631 -29.05 -26.58 -10.51
CA VAL A 631 -28.48 -26.61 -9.16
C VAL A 631 -29.49 -27.17 -8.16
N SER A 632 -29.08 -28.18 -7.38
CA SER A 632 -30.03 -28.88 -6.50
C SER A 632 -30.68 -27.98 -5.45
N PRO A 633 -31.94 -28.30 -5.03
CA PRO A 633 -32.61 -27.54 -3.97
C PRO A 633 -31.75 -27.38 -2.72
N GLY A 634 -30.94 -28.40 -2.42
CA GLY A 634 -30.13 -28.43 -1.21
C GLY A 634 -28.92 -27.52 -1.27
N PHE A 635 -28.55 -27.09 -2.48
CA PHE A 635 -27.46 -26.14 -2.69
C PHE A 635 -27.95 -24.77 -3.14
N SER A 636 -29.22 -24.49 -2.88
CA SER A 636 -29.80 -23.20 -3.25
C SER A 636 -30.21 -22.43 -2.00
N GLN A 637 -30.41 -21.13 -2.15
CA GLN A 637 -31.03 -20.34 -1.11
C GLN A 637 -32.55 -20.57 -1.16
N ASN A 638 -33.29 -19.93 -0.27
CA ASN A 638 -34.74 -19.96 -0.33
C ASN A 638 -35.31 -18.60 0.05
N CYS A 639 -36.50 -18.29 -0.45
CA CYS A 639 -37.10 -16.98 -0.19
C CYS A 639 -37.62 -16.84 1.22
N LEU A 640 -38.01 -17.97 1.81
CA LEU A 640 -38.61 -17.99 3.13
C LEU A 640 -37.65 -17.48 4.18
N ALA A 641 -36.38 -17.85 4.05
CA ALA A 641 -35.36 -17.35 4.94
C ALA A 641 -35.35 -15.81 4.95
N TYR A 642 -35.39 -15.20 3.75
CA TYR A 642 -35.45 -13.72 3.63
C TYR A 642 -36.74 -13.10 4.13
N LYS A 643 -37.85 -13.82 3.97
CA LYS A 643 -39.11 -13.37 4.51
C LYS A 643 -39.04 -13.36 6.04
N ASN A 644 -38.54 -14.45 6.62
CA ASN A 644 -38.45 -14.57 8.07
C ASN A 644 -37.41 -13.69 8.75
N ASP A 645 -36.45 -13.18 7.99
CA ASP A 645 -35.40 -12.30 8.53
C ASP A 645 -35.81 -10.85 8.34
N LYS A 646 -36.17 -10.20 9.45
CA LYS A 646 -36.61 -8.82 9.41
C LYS A 646 -35.51 -7.80 9.08
N GLN A 647 -34.26 -8.15 9.34
CA GLN A 647 -33.13 -7.25 9.04
C GLN A 647 -32.65 -7.36 7.59
N MET A 648 -32.56 -8.59 7.11
CA MET A 648 -31.89 -8.89 5.85
C MET A 648 -32.85 -8.93 4.67
N SER A 649 -32.49 -8.29 3.56
CA SER A 649 -33.22 -8.45 2.32
C SER A 649 -32.28 -9.14 1.29
N TYR A 650 -32.50 -8.96 -0.01
CA TYR A 650 -31.65 -9.62 -1.00
C TYR A 650 -31.46 -8.80 -2.27
N GLY A 651 -30.39 -9.10 -2.98
CA GLY A 651 -30.05 -8.40 -4.22
C GLY A 651 -29.50 -9.33 -5.28
N PHE A 652 -29.10 -8.77 -6.42
CA PHE A 652 -28.62 -9.58 -7.53
C PHE A 652 -27.26 -9.14 -8.01
N LEU A 653 -26.39 -10.10 -8.29
CA LEU A 653 -25.05 -9.77 -8.79
C LEU A 653 -25.07 -9.25 -10.22
N PHE A 654 -25.66 -9.99 -11.15
CA PHE A 654 -25.93 -9.40 -12.46
C PHE A 654 -27.21 -8.60 -12.35
N PRO A 655 -27.17 -7.29 -12.69
CA PRO A 655 -28.33 -6.42 -12.51
C PRO A 655 -29.41 -6.64 -13.58
N PRO A 656 -30.66 -6.94 -13.16
CA PRO A 656 -31.73 -7.07 -14.13
C PRO A 656 -31.88 -5.84 -15.06
N TYR A 657 -31.51 -4.66 -14.56
CA TYR A 657 -31.59 -3.42 -15.34
C TYR A 657 -30.86 -3.45 -16.67
N LEU A 658 -29.88 -4.33 -16.80
CA LEU A 658 -29.00 -4.30 -17.98
C LEU A 658 -29.16 -5.54 -18.86
N SER A 659 -30.23 -6.27 -18.62
CA SER A 659 -30.62 -7.37 -19.48
C SER A 659 -30.75 -6.91 -20.94
N SER A 660 -30.30 -7.75 -21.86
CA SER A 660 -30.19 -7.38 -23.27
C SER A 660 -31.51 -7.49 -24.01
N SER A 661 -32.49 -8.17 -23.42
CA SER A 661 -33.80 -8.39 -24.01
C SER A 661 -34.80 -8.79 -22.91
N PRO A 662 -36.11 -8.55 -23.15
CA PRO A 662 -37.13 -8.98 -22.20
C PRO A 662 -37.02 -10.45 -21.82
N GLU A 663 -36.55 -11.30 -22.73
CA GLU A 663 -36.48 -12.74 -22.46
C GLU A 663 -35.25 -13.14 -21.63
N ALA A 664 -34.10 -12.56 -21.99
CA ALA A 664 -32.87 -12.72 -21.21
C ALA A 664 -33.04 -12.25 -19.77
N LYS A 665 -33.95 -11.29 -19.54
CA LYS A 665 -34.13 -10.72 -18.20
C LYS A 665 -34.53 -11.76 -17.16
N TYR A 666 -35.20 -12.82 -17.60
CA TYR A 666 -35.63 -13.88 -16.69
C TYR A 666 -34.45 -14.55 -16.00
N ASP A 667 -33.32 -14.65 -16.70
CA ASP A 667 -32.11 -15.26 -16.15
C ASP A 667 -31.62 -14.53 -14.91
N ALA A 668 -31.86 -13.23 -14.84
CA ALA A 668 -31.35 -12.39 -13.76
C ALA A 668 -32.09 -12.59 -12.45
N PHE A 669 -33.22 -13.29 -12.52
CA PHE A 669 -34.00 -13.60 -11.35
C PHE A 669 -33.76 -15.01 -10.79
N LEU A 670 -32.82 -15.74 -11.37
CA LEU A 670 -32.45 -17.08 -10.89
C LEU A 670 -31.92 -17.01 -9.47
N VAL A 671 -32.33 -17.96 -8.65
CA VAL A 671 -31.95 -17.98 -7.25
C VAL A 671 -30.43 -18.10 -7.09
N THR A 672 -29.76 -18.52 -8.17
CA THR A 672 -28.31 -18.64 -8.16
C THR A 672 -27.62 -17.29 -8.47
N ASN A 673 -28.40 -16.23 -8.72
CA ASN A 673 -27.88 -14.89 -8.98
C ASN A 673 -28.10 -13.98 -7.76
N MET A 674 -28.70 -14.55 -6.73
CA MET A 674 -29.18 -13.84 -5.54
C MET A 674 -28.13 -13.82 -4.43
N VAL A 675 -28.00 -12.70 -3.72
CA VAL A 675 -27.08 -12.56 -2.56
C VAL A 675 -27.76 -11.76 -1.45
N PRO A 676 -27.36 -11.97 -0.17
CA PRO A 676 -28.00 -11.23 0.94
C PRO A 676 -27.58 -9.76 1.04
N MET A 677 -28.56 -8.88 1.20
CA MET A 677 -28.30 -7.45 1.32
C MET A 677 -29.21 -6.74 2.29
N TYR A 678 -28.59 -6.01 3.21
CA TYR A 678 -29.29 -5.08 4.07
C TYR A 678 -29.98 -4.02 3.20
N PRO A 679 -31.25 -3.68 3.53
CA PRO A 679 -31.94 -2.60 2.81
C PRO A 679 -31.12 -1.30 2.70
N ALA A 680 -30.38 -0.93 3.74
CA ALA A 680 -29.49 0.23 3.65
C ALA A 680 -28.39 0.08 2.57
N PHE A 681 -27.84 -1.13 2.41
CA PHE A 681 -26.85 -1.40 1.36
C PHE A 681 -27.47 -1.48 -0.03
N LYS A 682 -28.71 -1.93 -0.11
CA LYS A 682 -29.43 -2.01 -1.38
C LYS A 682 -29.55 -0.66 -2.08
N ARG A 683 -29.69 0.42 -1.30
CA ARG A 683 -29.66 1.77 -1.86
C ARG A 683 -28.36 2.05 -2.64
N VAL A 684 -27.23 1.66 -2.04
CA VAL A 684 -25.93 1.78 -2.68
C VAL A 684 -25.84 0.93 -3.94
N TRP A 685 -26.12 -0.36 -3.78
CA TRP A 685 -25.92 -1.35 -4.83
C TRP A 685 -26.79 -1.04 -6.07
N ALA A 686 -28.06 -0.72 -5.82
CA ALA A 686 -29.02 -0.42 -6.88
C ALA A 686 -28.61 0.80 -7.70
N TYR A 687 -28.03 1.79 -7.03
CA TYR A 687 -27.60 3.00 -7.73
C TYR A 687 -26.35 2.70 -8.57
N PHE A 688 -25.45 1.91 -8.02
CA PHE A 688 -24.27 1.49 -8.75
C PHE A 688 -24.65 0.69 -10.02
N GLN A 689 -25.58 -0.26 -9.86
CA GLN A 689 -26.02 -1.10 -10.97
C GLN A 689 -26.86 -0.37 -12.00
N ARG A 690 -27.79 0.46 -11.54
CA ARG A 690 -28.70 1.17 -12.42
C ARG A 690 -28.08 2.39 -13.13
N VAL A 691 -27.22 3.13 -12.44
CA VAL A 691 -26.68 4.36 -12.98
C VAL A 691 -25.18 4.28 -13.34
N LEU A 692 -24.35 3.87 -12.38
CA LEU A 692 -22.91 4.00 -12.55
C LEU A 692 -22.31 3.07 -13.59
N VAL A 693 -22.79 1.83 -13.65
CA VAL A 693 -22.29 0.88 -14.62
C VAL A 693 -22.43 1.46 -16.03
N LYS A 694 -23.64 1.94 -16.34
CA LYS A 694 -23.90 2.53 -17.66
C LYS A 694 -23.04 3.77 -17.88
N LYS A 695 -22.90 4.61 -16.85
CA LYS A 695 -22.05 5.80 -16.96
C LYS A 695 -20.63 5.44 -17.36
N TYR A 696 -20.06 4.42 -16.73
CA TYR A 696 -18.68 4.03 -17.02
C TYR A 696 -18.55 3.44 -18.43
N ALA A 697 -19.57 2.72 -18.86
CA ALA A 697 -19.57 2.14 -20.21
C ALA A 697 -19.48 3.24 -21.27
N SER A 698 -20.23 4.33 -21.07
CA SER A 698 -20.20 5.48 -21.98
C SER A 698 -18.86 6.22 -21.98
N GLU A 699 -18.32 6.48 -20.79
CA GLU A 699 -17.08 7.20 -20.63
C GLU A 699 -15.88 6.38 -21.09
N ARG A 700 -15.98 5.05 -21.01
CA ARG A 700 -14.80 4.20 -21.19
C ARG A 700 -14.84 3.33 -22.43
N ASN A 701 -15.93 3.43 -23.18
CA ASN A 701 -16.18 2.62 -24.39
C ASN A 701 -16.43 1.14 -24.09
N GLY A 702 -17.44 0.90 -23.25
CA GLY A 702 -17.76 -0.44 -22.78
C GLY A 702 -16.91 -0.81 -21.57
N VAL A 703 -17.49 -1.60 -20.67
CA VAL A 703 -16.74 -2.17 -19.57
C VAL A 703 -17.08 -3.64 -19.38
N ASN A 704 -16.06 -4.41 -19.01
CA ASN A 704 -16.28 -5.71 -18.39
C ASN A 704 -16.39 -5.56 -16.87
N VAL A 705 -17.38 -6.22 -16.26
CA VAL A 705 -17.57 -6.17 -14.81
C VAL A 705 -17.50 -7.56 -14.17
N ILE A 706 -16.68 -7.71 -13.13
CA ILE A 706 -16.70 -8.91 -12.30
C ILE A 706 -17.09 -8.53 -10.88
N SER A 707 -18.21 -9.06 -10.40
CA SER A 707 -18.74 -8.73 -9.08
C SER A 707 -18.84 -9.94 -8.19
N GLY A 708 -18.83 -9.73 -6.86
CA GLY A 708 -18.89 -10.86 -5.94
C GLY A 708 -18.94 -10.47 -4.48
N PRO A 709 -19.17 -11.46 -3.60
CA PRO A 709 -19.16 -11.28 -2.15
C PRO A 709 -17.77 -11.49 -1.57
N ILE A 710 -17.51 -10.86 -0.44
CA ILE A 710 -16.28 -11.07 0.32
C ILE A 710 -16.64 -11.41 1.75
N PHE A 711 -15.90 -12.33 2.36
CA PHE A 711 -16.09 -12.70 3.77
C PHE A 711 -14.79 -12.51 4.54
N ASP A 712 -14.75 -11.50 5.41
CA ASP A 712 -13.59 -11.26 6.25
C ASP A 712 -13.96 -10.89 7.70
N TYR A 713 -14.70 -11.77 8.37
CA TYR A 713 -15.08 -11.59 9.77
C TYR A 713 -13.93 -11.43 10.78
N ASN A 714 -12.75 -11.98 10.47
CA ASN A 714 -11.60 -11.82 11.36
C ASN A 714 -10.65 -10.71 10.87
N TYR A 715 -11.13 -9.90 9.90
CA TYR A 715 -10.42 -8.72 9.37
C TYR A 715 -8.90 -8.88 9.19
N ASP A 716 -8.48 -10.00 8.58
CA ASP A 716 -7.06 -10.21 8.31
C ASP A 716 -6.70 -9.94 6.85
N GLY A 717 -7.71 -9.60 6.05
CA GLY A 717 -7.52 -9.35 4.62
C GLY A 717 -7.49 -10.65 3.85
N LEU A 718 -7.74 -11.77 4.53
CA LEU A 718 -7.73 -13.06 3.87
C LEU A 718 -9.12 -13.68 3.81
N ARG A 719 -9.39 -14.38 2.71
CA ARG A 719 -10.59 -15.19 2.57
C ARG A 719 -10.89 -16.04 3.83
N ASP A 720 -12.07 -15.87 4.41
CA ASP A 720 -12.54 -16.73 5.51
C ASP A 720 -13.00 -18.09 4.99
N THR A 721 -12.62 -19.14 5.72
CA THR A 721 -13.18 -20.48 5.57
C THR A 721 -14.60 -20.49 6.20
N GLU A 722 -15.35 -21.59 5.98
CA GLU A 722 -16.74 -21.72 6.46
C GLU A 722 -16.93 -21.43 7.94
N ASP A 723 -16.02 -21.94 8.77
CA ASP A 723 -16.18 -21.90 10.22
C ASP A 723 -15.81 -20.56 10.83
N GLU A 724 -15.53 -19.58 9.98
CA GLU A 724 -15.20 -18.22 10.41
C GLU A 724 -16.38 -17.24 10.31
N ILE A 725 -17.46 -17.66 9.65
CA ILE A 725 -18.65 -16.84 9.42
C ILE A 725 -19.42 -16.59 10.71
N LYS A 726 -19.54 -15.32 11.10
CA LYS A 726 -20.24 -14.95 12.32
C LYS A 726 -21.74 -14.64 12.13
N GLN A 727 -22.18 -14.57 10.87
CA GLN A 727 -23.58 -14.23 10.62
C GLN A 727 -24.21 -14.88 9.38
N TYR A 728 -25.36 -15.53 9.61
CA TYR A 728 -26.14 -16.17 8.57
C TYR A 728 -27.52 -15.52 8.51
N VAL A 729 -28.17 -15.61 7.36
CA VAL A 729 -29.56 -15.19 7.20
C VAL A 729 -30.38 -16.05 8.16
N GLU A 730 -31.24 -15.41 8.96
CA GLU A 730 -31.97 -16.07 10.05
C GLU A 730 -32.58 -17.43 9.69
N GLY A 731 -32.23 -18.44 10.48
CA GLY A 731 -32.76 -19.80 10.33
C GLY A 731 -32.42 -20.48 9.02
N SER A 732 -31.20 -20.26 8.54
CA SER A 732 -30.70 -20.85 7.31
C SER A 732 -29.18 -20.95 7.38
N SER A 733 -28.59 -21.62 6.39
CA SER A 733 -27.13 -21.69 6.27
C SER A 733 -26.62 -20.80 5.13
N ILE A 734 -27.35 -19.72 4.82
CA ILE A 734 -26.92 -18.70 3.86
C ILE A 734 -26.03 -17.69 4.61
N PRO A 735 -24.72 -17.67 4.29
CA PRO A 735 -23.79 -16.80 4.99
C PRO A 735 -23.90 -15.35 4.49
N VAL A 736 -23.64 -14.40 5.38
CA VAL A 736 -23.74 -12.99 5.05
C VAL A 736 -22.36 -12.43 4.74
N PRO A 737 -22.18 -11.85 3.53
CA PRO A 737 -20.91 -11.18 3.23
C PRO A 737 -20.68 -9.96 4.11
N THR A 738 -19.40 -9.67 4.39
CA THR A 738 -18.98 -8.46 5.09
C THR A 738 -18.71 -7.36 4.08
N HIS A 739 -18.39 -7.73 2.84
CA HIS A 739 -18.15 -6.76 1.78
C HIS A 739 -18.65 -7.28 0.41
N TYR A 740 -18.81 -6.36 -0.54
CA TYR A 740 -19.09 -6.69 -1.93
C TYR A 740 -18.07 -5.99 -2.83
N TYR A 741 -17.46 -6.73 -3.77
CA TYR A 741 -16.44 -6.12 -4.68
C TYR A 741 -16.96 -5.96 -6.10
N SER A 742 -16.33 -5.09 -6.87
CA SER A 742 -16.45 -5.14 -8.33
C SER A 742 -15.12 -4.78 -8.98
N ILE A 743 -14.81 -5.44 -10.09
CA ILE A 743 -13.64 -5.15 -10.88
C ILE A 743 -14.09 -4.68 -12.26
N ILE A 744 -13.82 -3.42 -12.57
CA ILE A 744 -14.27 -2.84 -13.84
C ILE A 744 -13.13 -2.64 -14.83
N THR A 745 -13.11 -3.44 -15.89
CA THR A 745 -12.01 -3.42 -16.87
C THR A 745 -12.46 -2.90 -18.23
N SER A 746 -11.56 -2.16 -18.87
CA SER A 746 -11.70 -1.77 -20.27
C SER A 746 -10.33 -1.57 -20.90
N CYS A 747 -10.34 -0.99 -22.09
CA CYS A 747 -9.14 -0.79 -22.91
C CYS A 747 -8.48 0.53 -22.56
N LEU A 748 -7.16 0.51 -22.39
CA LEU A 748 -6.41 1.74 -22.06
C LEU A 748 -6.54 2.78 -23.18
N ASP A 749 -6.53 2.30 -24.43
CA ASP A 749 -6.88 3.14 -25.56
C ASP A 749 -8.39 3.01 -25.77
N PHE A 750 -9.11 4.00 -25.24
CA PHE A 750 -10.57 3.99 -25.25
C PHE A 750 -11.21 4.19 -26.62
N THR A 751 -10.40 4.27 -27.67
CA THR A 751 -10.93 4.25 -29.03
C THR A 751 -11.34 2.83 -29.45
N GLN A 752 -10.73 1.83 -28.81
CA GLN A 752 -11.12 0.43 -28.98
C GLN A 752 -12.12 0.01 -27.89
N PRO A 753 -13.24 -0.62 -28.27
CA PRO A 753 -14.24 -0.99 -27.27
C PRO A 753 -13.75 -2.15 -26.40
N ALA A 754 -14.18 -2.16 -25.14
CA ALA A 754 -13.79 -3.20 -24.16
C ALA A 754 -13.67 -4.60 -24.76
N ASP A 755 -14.69 -5.05 -25.49
CA ASP A 755 -14.72 -6.41 -26.05
C ASP A 755 -13.80 -6.67 -27.25
N LYS A 756 -13.14 -5.64 -27.78
CA LYS A 756 -12.22 -5.79 -28.91
C LYS A 756 -10.96 -4.99 -28.70
N CYS A 757 -10.23 -5.28 -27.64
CA CYS A 757 -9.08 -4.47 -27.27
C CYS A 757 -7.77 -5.17 -27.64
N ASP A 758 -6.83 -4.41 -28.18
CA ASP A 758 -5.59 -4.97 -28.72
C ASP A 758 -4.35 -4.67 -27.88
N GLY A 759 -4.47 -3.74 -26.95
CA GLY A 759 -3.30 -3.28 -26.22
C GLY A 759 -3.38 -3.52 -24.72
N PRO A 760 -2.80 -2.60 -23.92
CA PRO A 760 -2.91 -2.59 -22.46
C PRO A 760 -4.35 -2.39 -21.98
N LEU A 761 -4.62 -2.86 -20.77
CA LEU A 761 -5.96 -2.77 -20.19
C LEU A 761 -5.99 -1.64 -19.17
N SER A 762 -7.20 -1.19 -18.83
CA SER A 762 -7.40 -0.18 -17.80
C SER A 762 -8.44 -0.69 -16.78
N VAL A 763 -8.13 -0.55 -15.50
CA VAL A 763 -8.97 -1.12 -14.46
C VAL A 763 -9.23 -0.14 -13.32
N SER A 764 -10.39 -0.28 -12.69
CA SER A 764 -10.63 0.28 -11.36
C SER A 764 -11.54 -0.66 -10.56
N SER A 765 -11.39 -0.69 -9.25
CA SER A 765 -12.09 -1.65 -8.40
C SER A 765 -12.49 -1.05 -7.07
N PHE A 766 -13.46 -1.69 -6.42
CA PHE A 766 -13.86 -1.28 -5.08
C PHE A 766 -14.26 -2.47 -4.21
N ILE A 767 -14.20 -2.27 -2.90
CA ILE A 767 -14.60 -3.27 -1.92
C ILE A 767 -15.54 -2.58 -0.92
N LEU A 768 -16.83 -2.60 -1.22
CA LEU A 768 -17.83 -1.87 -0.43
C LEU A 768 -18.18 -2.63 0.84
N PRO A 769 -18.05 -1.99 2.01
CA PRO A 769 -18.49 -2.70 3.21
C PRO A 769 -20.02 -2.92 3.21
N HIS A 770 -20.43 -4.11 3.63
CA HIS A 770 -21.83 -4.50 3.63
C HIS A 770 -22.45 -4.18 4.98
N ARG A 771 -23.02 -2.97 5.09
CA ARG A 771 -23.44 -2.46 6.39
C ARG A 771 -24.96 -2.18 6.50
N PRO A 772 -25.55 -2.49 7.67
CA PRO A 772 -26.98 -2.35 7.91
C PRO A 772 -27.48 -0.91 8.02
N ASP A 773 -26.56 0.05 7.99
CA ASP A 773 -26.91 1.46 8.01
C ASP A 773 -25.93 2.19 7.12
N ASN A 774 -26.26 3.43 6.78
CA ASN A 774 -25.36 4.27 6.02
C ASN A 774 -24.78 5.40 6.87
N ASP A 775 -24.55 5.10 8.15
CA ASP A 775 -23.96 6.07 9.06
C ASP A 775 -22.62 6.68 8.55
N GLU A 776 -21.86 5.89 7.79
CA GLU A 776 -20.61 6.37 7.19
C GLU A 776 -20.81 7.58 6.26
N SER A 777 -21.93 7.62 5.54
CA SER A 777 -22.16 8.76 4.66
C SER A 777 -23.14 9.76 5.30
N CYS A 778 -22.62 10.92 5.72
CA CYS A 778 -23.41 11.90 6.47
C CYS A 778 -24.57 12.51 5.65
N ASN A 779 -24.49 12.40 4.33
CA ASN A 779 -25.52 12.91 3.41
C ASN A 779 -26.45 11.85 2.86
N SER A 780 -26.56 10.72 3.56
CA SER A 780 -27.33 9.57 3.02
C SER A 780 -28.84 9.72 2.99
N SER A 781 -29.39 10.70 3.69
CA SER A 781 -30.83 10.93 3.62
C SER A 781 -31.18 11.71 2.34
N GLU A 782 -30.17 12.18 1.63
CA GLU A 782 -30.36 12.83 0.35
C GLU A 782 -30.40 11.80 -0.78
N ASP A 783 -30.60 12.27 -2.01
CA ASP A 783 -30.62 11.40 -3.17
C ASP A 783 -29.27 10.69 -3.35
N GLU A 784 -29.33 9.45 -3.83
CA GLU A 784 -28.15 8.63 -4.03
C GLU A 784 -27.06 9.29 -4.88
N SER A 785 -27.44 10.20 -5.78
CA SER A 785 -26.47 10.90 -6.62
C SER A 785 -25.62 11.93 -5.86
N LYS A 786 -25.90 12.12 -4.57
CA LYS A 786 -25.19 13.09 -3.75
C LYS A 786 -24.15 12.48 -2.81
N TRP A 787 -24.12 11.15 -2.70
CA TRP A 787 -23.27 10.49 -1.71
C TRP A 787 -22.74 9.12 -2.11
N VAL A 788 -23.40 8.43 -3.03
CA VAL A 788 -23.05 7.04 -3.30
C VAL A 788 -21.68 6.89 -3.95
N GLU A 789 -21.45 7.59 -5.05
CA GLU A 789 -20.19 7.54 -5.75
C GLU A 789 -19.02 8.02 -4.86
N GLU A 790 -19.31 8.94 -3.94
CA GLU A 790 -18.32 9.40 -2.98
C GLU A 790 -17.87 8.25 -2.06
N LEU A 791 -18.83 7.46 -1.61
CA LEU A 791 -18.54 6.28 -0.77
C LEU A 791 -17.73 5.24 -1.54
N MET A 792 -18.10 5.00 -2.80
CA MET A 792 -17.35 4.03 -3.60
C MET A 792 -15.90 4.44 -3.74
N LYS A 793 -15.65 5.71 -4.03
CA LYS A 793 -14.30 6.24 -4.18
C LYS A 793 -13.45 6.01 -2.94
N MET A 794 -14.03 6.26 -1.76
CA MET A 794 -13.34 6.07 -0.50
C MET A 794 -12.91 4.60 -0.35
N HIS A 795 -13.77 3.70 -0.85
CA HIS A 795 -13.49 2.29 -0.84
C HIS A 795 -12.89 1.71 -2.15
N THR A 796 -12.18 2.55 -2.88
CA THR A 796 -11.41 2.07 -4.04
C THR A 796 -10.40 0.98 -3.61
N ALA A 797 -10.02 0.12 -4.55
CA ALA A 797 -9.20 -1.04 -4.21
C ALA A 797 -8.31 -1.48 -5.36
N ARG A 798 -7.28 -2.26 -5.03
CA ARG A 798 -6.49 -2.97 -6.05
C ARG A 798 -7.09 -4.35 -6.29
N VAL A 799 -6.98 -4.84 -7.53
CA VAL A 799 -7.47 -6.21 -7.83
C VAL A 799 -6.81 -7.21 -6.90
N ARG A 800 -5.55 -6.96 -6.58
CA ARG A 800 -4.76 -7.78 -5.68
C ARG A 800 -5.36 -7.83 -4.26
N ASP A 801 -5.93 -6.72 -3.80
CA ASP A 801 -6.66 -6.72 -2.53
C ASP A 801 -7.80 -7.72 -2.61
N ILE A 802 -8.53 -7.68 -3.73
CA ILE A 802 -9.68 -8.55 -3.92
C ILE A 802 -9.26 -10.02 -3.98
N GLU A 803 -8.11 -10.27 -4.58
CA GLU A 803 -7.53 -11.64 -4.64
C GLU A 803 -7.28 -12.28 -3.28
N HIS A 804 -6.54 -11.56 -2.42
CA HIS A 804 -6.34 -12.02 -1.03
C HIS A 804 -7.68 -12.35 -0.35
N LEU A 805 -8.70 -11.53 -0.57
CA LEU A 805 -9.96 -11.68 0.15
C LEU A 805 -10.90 -12.75 -0.39
N THR A 806 -10.63 -13.26 -1.59
CA THR A 806 -11.52 -14.25 -2.24
C THR A 806 -10.81 -15.54 -2.62
N GLY A 807 -9.48 -15.51 -2.60
CA GLY A 807 -8.69 -16.67 -3.06
C GLY A 807 -8.88 -16.97 -4.54
N LEU A 808 -9.21 -15.94 -5.31
CA LEU A 808 -9.31 -16.09 -6.78
C LEU A 808 -8.12 -15.43 -7.48
N ASP A 809 -7.85 -15.84 -8.71
CA ASP A 809 -6.77 -15.23 -9.48
C ASP A 809 -7.34 -14.79 -10.81
N PHE A 810 -7.37 -13.48 -11.04
CA PHE A 810 -8.01 -12.93 -12.24
C PHE A 810 -7.03 -12.76 -13.40
N TYR A 811 -7.56 -12.41 -14.58
CA TYR A 811 -6.76 -12.14 -15.80
C TYR A 811 -5.85 -13.29 -16.22
N ARG A 812 -6.38 -14.51 -16.24
CA ARG A 812 -5.58 -15.70 -16.56
C ARG A 812 -5.29 -15.86 -18.05
N LYS A 813 -6.18 -15.39 -18.91
CA LYS A 813 -6.01 -15.50 -20.35
C LYS A 813 -6.11 -14.16 -21.03
N THR A 814 -4.98 -13.49 -21.19
CA THR A 814 -4.91 -12.24 -21.95
C THR A 814 -3.81 -12.36 -22.99
N SER A 815 -3.70 -11.37 -23.86
CA SER A 815 -2.57 -11.34 -24.78
C SER A 815 -1.38 -10.56 -24.21
N ARG A 816 -1.47 -10.16 -22.94
CA ARG A 816 -0.45 -9.31 -22.32
C ARG A 816 0.57 -10.13 -21.53
N SER A 817 1.75 -9.57 -21.27
CA SER A 817 2.79 -10.25 -20.49
C SER A 817 2.41 -10.35 -19.01
N TYR A 818 2.87 -11.39 -18.34
CA TYR A 818 2.43 -11.64 -16.97
C TYR A 818 2.86 -10.51 -16.03
N SER A 819 4.07 -9.99 -16.25
CA SER A 819 4.57 -8.88 -15.44
C SER A 819 3.66 -7.68 -15.58
N GLU A 820 3.24 -7.39 -16.80
CA GLU A 820 2.39 -6.25 -17.05
C GLU A 820 1.05 -6.41 -16.34
N ILE A 821 0.57 -7.65 -16.27
CA ILE A 821 -0.70 -7.97 -15.61
C ILE A 821 -0.49 -7.80 -14.10
N LEU A 822 0.68 -8.19 -13.62
CA LEU A 822 1.00 -8.05 -12.23
C LEU A 822 0.89 -6.58 -11.80
N THR A 823 1.45 -5.69 -12.62
CA THR A 823 1.37 -4.24 -12.45
C THR A 823 -0.08 -3.75 -12.44
N LEU A 824 -0.86 -4.19 -13.43
CA LEU A 824 -2.29 -3.91 -13.48
C LEU A 824 -3.03 -4.31 -12.18
N LYS A 825 -2.72 -5.49 -11.65
CA LYS A 825 -3.38 -5.99 -10.44
C LYS A 825 -3.05 -5.17 -9.19
N THR A 826 -1.91 -4.48 -9.20
CA THR A 826 -1.48 -3.68 -8.07
C THR A 826 -1.87 -2.22 -8.22
N TYR A 827 -2.38 -1.85 -9.40
CA TYR A 827 -2.88 -0.50 -9.64
C TYR A 827 -4.04 -0.11 -8.69
N LEU A 828 -4.01 1.14 -8.25
CA LEU A 828 -5.09 1.71 -7.44
C LEU A 828 -5.54 3.01 -8.09
N HIS A 829 -6.83 3.12 -8.33
CA HIS A 829 -7.41 4.35 -8.85
C HIS A 829 -7.77 5.20 -7.64
N THR A 830 -7.16 6.37 -7.52
CA THR A 830 -7.23 7.14 -6.28
C THR A 830 -8.21 8.31 -6.26
N TYR A 831 -8.71 8.74 -7.42
CA TYR A 831 -9.66 9.88 -7.51
C TYR A 831 -9.11 11.16 -6.88
N GLU A 832 -7.80 11.23 -6.71
CA GLU A 832 -7.15 12.46 -6.34
C GLU A 832 -6.86 13.19 -7.64
N SER A 833 -6.99 14.51 -7.65
CA SER A 833 -6.68 15.31 -8.83
C SER A 833 -5.16 15.31 -9.15
N GLU A 834 -4.77 16.07 -10.18
CA GLU A 834 -3.37 16.09 -10.66
C GLU A 834 -2.39 16.72 -9.67
C1 NAG B . 1.15 -9.84 4.31
C2 NAG B . -0.11 -10.68 4.35
C3 NAG B . -0.13 -11.53 5.62
C4 NAG B . 1.16 -12.32 5.85
C5 NAG B . 2.37 -11.44 5.61
C6 NAG B . 3.67 -12.26 5.58
C7 NAG B . -2.15 -9.82 3.26
C8 NAG B . -3.32 -8.89 3.35
N2 NAG B . -1.29 -9.81 4.29
O3 NAG B . -1.21 -12.44 5.64
O4 NAG B . 1.17 -12.74 7.20
O5 NAG B . 2.22 -10.77 4.37
O6 NAG B . 3.58 -13.26 4.59
O7 NAG B . -2.06 -10.54 2.28
C1 NAG B . 1.43 -14.14 7.37
C2 NAG B . 2.07 -14.28 8.74
C3 NAG B . 2.24 -15.74 9.14
C4 NAG B . 0.89 -16.48 9.09
C5 NAG B . 0.16 -16.23 7.76
C6 NAG B . -1.33 -16.56 7.93
C7 NAG B . 3.53 -12.34 9.22
C8 NAG B . 4.92 -11.78 9.20
N2 NAG B . 3.36 -13.60 8.78
O3 NAG B . 2.71 -15.72 10.47
O4 NAG B . 1.05 -17.88 9.30
O5 NAG B . 0.24 -14.89 7.26
O6 NAG B . -1.98 -15.58 8.71
O7 NAG B . 2.60 -11.63 9.63
C1 BMA B . 0.79 -18.25 10.69
C2 BMA B . -0.17 -19.44 10.85
C3 BMA B . -0.30 -19.95 12.31
C4 BMA B . 1.03 -19.92 13.09
C5 BMA B . 1.83 -18.66 12.79
C6 BMA B . 3.23 -18.64 13.43
O2 BMA B . 0.24 -20.45 9.94
O3 BMA B . -0.84 -21.29 12.36
O4 BMA B . 0.81 -19.99 14.49
O5 BMA B . 2.00 -18.51 11.39
O6 BMA B . 3.64 -17.30 13.34
C1 MAN B . 4.99 -17.07 13.79
C2 MAN B . 5.09 -15.66 14.43
C3 MAN B . 5.22 -14.54 13.36
C4 MAN B . 6.32 -14.90 12.37
C5 MAN B . 6.01 -16.28 11.74
C6 MAN B . 6.97 -16.70 10.62
O2 MAN B . 6.14 -15.61 15.38
O3 MAN B . 5.39 -13.23 13.90
O4 MAN B . 6.47 -13.90 11.38
O5 MAN B . 5.96 -17.27 12.77
O6 MAN B . 8.33 -16.61 11.01
C1 MAN B . 4.14 -12.57 14.21
C2 MAN B . 4.01 -11.13 13.70
C3 MAN B . 5.10 -10.29 14.37
C4 MAN B . 5.10 -10.40 15.90
C5 MAN B . 4.58 -11.73 16.49
C6 MAN B . 3.68 -11.43 17.69
O2 MAN B . 2.71 -10.58 14.01
O3 MAN B . 4.99 -8.93 14.01
O4 MAN B . 6.42 -10.15 16.39
O5 MAN B . 3.83 -12.57 15.61
O6 MAN B . 2.98 -12.58 18.12
C1 MAN B . 1.76 -10.50 12.92
C2 MAN B . 0.55 -9.64 13.37
C3 MAN B . -0.36 -10.44 14.31
C4 MAN B . -0.71 -11.83 13.77
C5 MAN B . 0.51 -12.58 13.23
C6 MAN B . 0.09 -13.85 12.47
O2 MAN B . -0.22 -9.16 12.26
O3 MAN B . -1.54 -9.74 14.57
O4 MAN B . -1.33 -12.60 14.79
O5 MAN B . 1.33 -11.75 12.39
O6 MAN B . 0.88 -14.95 12.88
C1 MAN B . -2.23 -21.42 12.80
C2 MAN B . -2.40 -22.67 13.69
C3 MAN B . -2.65 -24.02 12.95
C4 MAN B . -3.37 -23.90 11.61
C5 MAN B . -2.98 -22.60 10.88
C6 MAN B . -3.66 -22.48 9.51
O2 MAN B . -3.50 -22.45 14.56
O3 MAN B . -3.43 -24.90 13.75
O4 MAN B . -3.02 -25.00 10.81
O5 MAN B . -3.19 -21.47 11.73
O6 MAN B . -2.88 -23.21 8.58
C1 MAN B . -3.17 -22.64 15.96
C2 MAN B . -4.24 -23.53 16.62
C3 MAN B . -5.60 -22.79 16.61
C4 MAN B . -5.48 -21.36 17.17
C5 MAN B . -4.26 -20.61 16.59
C6 MAN B . -4.02 -19.24 17.23
O2 MAN B . -3.83 -23.91 17.91
O3 MAN B . -6.60 -23.52 17.29
O4 MAN B . -6.68 -20.66 16.89
O5 MAN B . -3.08 -21.41 16.68
O6 MAN B . -3.32 -19.35 18.46
CA CA C . 9.15 10.87 8.78
K K D . -36.38 -9.46 4.96
C ACT E . -8.73 13.32 3.28
O ACT E . -9.10 12.87 2.17
OXT ACT E . -8.73 14.56 3.50
CH3 ACT E . -8.28 12.37 4.35
C11 XVH F . 14.51 11.68 14.88
C13 XVH F . 14.56 2.73 9.99
C16 XVH F . 16.26 4.85 9.35
C17 XVH F . 13.70 1.57 10.26
C19 XVH F . 15.91 1.81 6.73
C20 XVH F . 14.85 1.81 5.64
C21 XVH F . 15.41 1.10 4.43
C1 XVH F . 15.55 4.91 10.56
C2 XVH F . 14.46 7.83 12.72
C3 XVH F . 14.47 6.66 11.95
C4 XVH F . 15.67 6.10 11.45
C5 XVH F . 16.89 6.77 11.82
C6 XVH F . 16.88 7.93 12.58
C7 XVH F . 15.66 8.49 13.01
C8 XVH F . 15.72 9.80 13.72
N9 XVH F . 14.53 10.39 14.18
O10 XVH F . 16.81 10.40 13.83
C12 XVH F . 14.69 3.81 10.88
C14 XVH F . 15.32 2.79 8.80
N15 XVH F . 16.16 3.81 8.47
O18 XVH F . 15.15 1.77 7.95
N22 XVH F . 18.25 6.27 11.41
O23 XVH F . 18.36 5.11 11.12
O24 XVH F . 19.19 7.04 11.37
CL CL G . 0.82 7.37 15.66
ZN ZN H . 7.59 14.30 10.55
NA NA I . -26.19 8.87 7.13
CA CA J . -10.32 -13.45 6.94
#